data_7NQS
#
_entry.id   7NQS
#
_cell.length_a   79.88
_cell.length_b   102.87
_cell.length_c   103.76
_cell.angle_alpha   90
_cell.angle_beta   90
_cell.angle_gamma   90
#
_symmetry.space_group_name_H-M   'P 21 21 21'
#
loop_
_entity.id
_entity.type
_entity.pdbx_description
1 polymer 'Heat shock protein 70'
2 non-polymer 'AMP PHOSPHORAMIDATE'
3 non-polymer GLYCEROL
4 non-polymer 'TETRAETHYLENE GLYCOL'
5 non-polymer 'PHOSPHATE ION'
6 non-polymer 1-ethyl-N-[(4-fluorophenyl)methyl]-1H-pyrazole-4-carboxamide
7 water water
#
_entity_poly.entity_id   1
_entity_poly.type   'polypeptide(L)'
_entity_poly.pdbx_seq_one_letter_code
;GPAEESEVAIGIDLGTTYSCVGICRNGVVDIIANDQGNRTTPSYVAFTDTERLIGDAAKNQASRNPENTVFDAKRLIGRK
FSETTVQSDMKHWPFTVKGGSDGKPMIEVSYQGEKKTFHPEEISSMVLKKMKEVAETYLGKPVKNAVITVPAYFNDSQRQ
ATKDAGAIAGLNVLRIINEPTAAAIAYGLDKKGKGEQNILIFDLGGGTFDVSLLTLEDGIFEVKATSGDTHLGGEDFDNK
LVNFCVQDFKKKNGGKDVSKNSKSLRRLRTQCEKAKRVLSSSAQATIEVDSLFDGIDYNVNITRAKFEELCMDQFRNTLI
PVEKVLKDAKMDKSQVHEIVLVGGSTRIPKIQQLIKDFFNGKEP(CSX)KAINPDEAVAYGAAVQAAILSGDQSSAV
;
_entity_poly.pdbx_strand_id   A,B
#
loop_
_chem_comp.id
_chem_comp.type
_chem_comp.name
_chem_comp.formula
AN2 non-polymer 'AMP PHOSPHORAMIDATE' 'C10 H16 N6 O9 P2'
GOL non-polymer GLYCEROL 'C3 H8 O3'
JH1 non-polymer 1-ethyl-N-[(4-fluorophenyl)methyl]-1H-pyrazole-4-carboxamide 'C13 H14 F N3 O'
PG4 non-polymer 'TETRAETHYLENE GLYCOL' 'C8 H18 O5'
PO4 non-polymer 'PHOSPHATE ION' 'O4 P -3'
#
# COMPACT_ATOMS: atom_id res chain seq x y z
N GLU A 7 7.80 -12.67 -29.66
CA GLU A 7 8.27 -11.42 -30.23
C GLU A 7 7.19 -10.31 -30.21
N VAL A 8 5.97 -10.66 -30.65
CA VAL A 8 4.86 -9.71 -30.63
C VAL A 8 4.36 -9.53 -29.19
N ALA A 9 4.30 -8.26 -28.71
CA ALA A 9 3.83 -7.92 -27.37
C ALA A 9 2.71 -6.87 -27.45
N ILE A 10 1.60 -7.14 -26.72
CA ILE A 10 0.43 -6.27 -26.65
C ILE A 10 0.30 -5.58 -25.29
N GLY A 11 -0.44 -4.50 -25.25
CA GLY A 11 -0.74 -3.80 -24.01
C GLY A 11 -2.22 -4.03 -23.74
N ILE A 12 -2.56 -4.46 -22.52
CA ILE A 12 -3.96 -4.71 -22.17
C ILE A 12 -4.38 -3.92 -20.97
N ASP A 13 -5.42 -3.07 -21.12
CA ASP A 13 -6.03 -2.40 -20.01
C ASP A 13 -7.12 -3.37 -19.59
N LEU A 14 -6.95 -4.07 -18.42
CA LEU A 14 -7.97 -4.96 -17.88
C LEU A 14 -8.83 -4.12 -16.93
N GLY A 15 -9.87 -3.49 -17.48
CA GLY A 15 -10.75 -2.59 -16.74
C GLY A 15 -11.84 -3.23 -15.91
N THR A 16 -12.40 -2.45 -14.98
CA THR A 16 -13.48 -2.93 -14.11
C THR A 16 -14.69 -3.33 -14.92
N THR A 17 -15.12 -2.45 -15.83
CA THR A 17 -16.29 -2.52 -16.68
C THR A 17 -15.89 -2.85 -18.12
N TYR A 18 -14.80 -2.22 -18.66
CA TYR A 18 -14.32 -2.39 -20.04
C TYR A 18 -12.83 -2.60 -20.11
N SER A 19 -12.41 -3.48 -21.03
CA SER A 19 -11.02 -3.80 -21.31
C SER A 19 -10.65 -3.34 -22.73
N CYS A 20 -9.36 -3.13 -22.99
CA CYS A 20 -8.91 -2.57 -24.25
C CYS A 20 -7.54 -3.15 -24.59
N VAL A 21 -7.30 -3.43 -25.87
CA VAL A 21 -6.02 -4.00 -26.28
C VAL A 21 -5.36 -3.13 -27.36
N GLY A 22 -4.07 -2.89 -27.21
CA GLY A 22 -3.34 -2.10 -28.19
C GLY A 22 -2.04 -2.75 -28.57
N ILE A 23 -1.52 -2.37 -29.72
CA ILE A 23 -0.23 -2.81 -30.18
C ILE A 23 0.57 -1.61 -30.70
N CYS A 24 1.83 -1.55 -30.34
CA CYS A 24 2.74 -0.49 -30.74
C CYS A 24 3.78 -1.08 -31.66
N ARG A 25 3.73 -0.65 -32.91
CA ARG A 25 4.65 -1.14 -33.91
C ARG A 25 5.14 0.05 -34.67
N ASN A 26 6.47 0.09 -34.90
CA ASN A 26 7.06 1.16 -35.66
C ASN A 26 6.77 2.54 -35.04
N GLY A 27 6.70 2.61 -33.73
CA GLY A 27 6.44 3.86 -33.03
C GLY A 27 5.01 4.34 -33.05
N VAL A 28 4.11 3.57 -33.66
CA VAL A 28 2.72 3.95 -33.78
C VAL A 28 1.83 2.98 -33.02
N VAL A 29 0.78 3.49 -32.35
CA VAL A 29 -0.08 2.64 -31.54
C VAL A 29 -1.42 2.42 -32.16
N ASP A 30 -1.76 1.16 -32.44
CA ASP A 30 -3.08 0.78 -32.96
C ASP A 30 -3.91 0.13 -31.87
N ILE A 31 -5.07 0.74 -31.52
CA ILE A 31 -6.03 0.15 -30.59
C ILE A 31 -6.88 -0.77 -31.43
N ILE A 32 -6.90 -2.04 -31.06
CA ILE A 32 -7.56 -3.06 -31.86
C ILE A 32 -9.08 -3.26 -31.57
N ALA A 33 -9.92 -3.12 -32.61
CA ALA A 33 -11.37 -3.31 -32.54
C ALA A 33 -11.67 -4.81 -32.45
N ASN A 34 -12.76 -5.15 -31.76
CA ASN A 34 -13.18 -6.53 -31.61
C ASN A 34 -14.08 -6.98 -32.80
N ASP A 35 -14.69 -8.18 -32.71
CA ASP A 35 -15.59 -8.73 -33.72
C ASP A 35 -16.75 -7.86 -34.06
N GLN A 36 -17.22 -7.06 -33.13
CA GLN A 36 -18.34 -6.18 -33.36
C GLN A 36 -17.91 -4.75 -33.77
N GLY A 37 -16.62 -4.54 -34.01
CA GLY A 37 -16.07 -3.23 -34.34
C GLY A 37 -15.89 -2.33 -33.14
N ASN A 38 -15.95 -2.87 -31.91
CA ASN A 38 -15.82 -2.06 -30.70
C ASN A 38 -14.37 -1.98 -30.26
N ARG A 39 -13.87 -0.76 -30.02
CA ARG A 39 -12.48 -0.54 -29.62
C ARG A 39 -12.20 -0.86 -28.14
N THR A 40 -13.26 -1.09 -27.34
CA THR A 40 -13.22 -1.58 -25.96
C THR A 40 -14.23 -2.73 -25.85
N THR A 41 -14.00 -3.65 -24.92
CA THR A 41 -14.79 -4.85 -24.76
C THR A 41 -15.20 -4.98 -23.33
N PRO A 42 -16.50 -5.20 -23.04
CA PRO A 42 -16.93 -5.35 -21.65
C PRO A 42 -16.20 -6.50 -20.93
N SER A 43 -15.80 -6.24 -19.66
CA SER A 43 -15.13 -7.24 -18.83
C SER A 43 -16.24 -8.13 -18.20
N TYR A 44 -17.01 -8.82 -19.06
CA TYR A 44 -18.16 -9.65 -18.73
C TYR A 44 -17.94 -11.06 -19.21
N VAL A 45 -18.31 -12.03 -18.40
CA VAL A 45 -18.24 -13.44 -18.75
C VAL A 45 -19.60 -14.06 -18.38
N ALA A 46 -20.30 -14.65 -19.34
CA ALA A 46 -21.60 -15.26 -19.06
C ALA A 46 -21.61 -16.75 -19.39
N PHE A 47 -22.42 -17.51 -18.67
CA PHE A 47 -22.55 -18.95 -18.85
C PHE A 47 -24.02 -19.26 -19.08
N THR A 48 -24.34 -19.97 -20.18
CA THR A 48 -25.70 -20.32 -20.56
C THR A 48 -25.85 -21.86 -20.54
N ASP A 49 -27.03 -22.37 -20.98
CA ASP A 49 -27.24 -23.80 -21.08
C ASP A 49 -26.32 -24.41 -22.15
N THR A 50 -25.86 -23.62 -23.15
CA THR A 50 -25.05 -24.12 -24.25
C THR A 50 -23.64 -23.54 -24.40
N GLU A 51 -23.43 -22.28 -24.00
CA GLU A 51 -22.14 -21.64 -24.26
C GLU A 51 -21.59 -20.70 -23.16
N ARG A 52 -20.30 -20.36 -23.28
CA ARG A 52 -19.56 -19.44 -22.44
C ARG A 52 -19.33 -18.21 -23.30
N LEU A 53 -19.98 -17.09 -22.98
CA LEU A 53 -19.87 -15.84 -23.72
C LEU A 53 -18.91 -14.89 -23.04
N ILE A 54 -18.13 -14.13 -23.83
CA ILE A 54 -17.21 -13.16 -23.26
C ILE A 54 -17.32 -11.84 -24.02
N GLY A 55 -17.33 -10.73 -23.29
CA GLY A 55 -17.34 -9.41 -23.89
C GLY A 55 -18.72 -8.91 -24.23
N ASP A 56 -18.87 -8.39 -25.45
CA ASP A 56 -20.14 -7.82 -25.91
C ASP A 56 -21.29 -8.82 -25.83
N ALA A 57 -21.07 -10.07 -26.27
CA ALA A 57 -22.09 -11.11 -26.24
C ALA A 57 -22.58 -11.38 -24.82
N ALA A 58 -21.66 -11.35 -23.83
CA ALA A 58 -22.00 -11.56 -22.43
C ALA A 58 -22.76 -10.37 -21.87
N LYS A 59 -22.30 -9.13 -22.12
CA LYS A 59 -23.03 -7.94 -21.61
C LYS A 59 -24.44 -7.82 -22.23
N ASN A 60 -24.57 -8.17 -23.51
CA ASN A 60 -25.84 -8.05 -24.22
C ASN A 60 -26.96 -8.96 -23.68
N GLN A 61 -26.61 -10.11 -23.08
CA GLN A 61 -27.62 -10.99 -22.51
C GLN A 61 -27.68 -10.91 -20.96
N ALA A 62 -27.02 -9.93 -20.34
CA ALA A 62 -27.00 -9.81 -18.87
C ALA A 62 -28.38 -9.72 -18.24
N SER A 63 -29.31 -8.92 -18.82
CA SER A 63 -30.63 -8.79 -18.22
C SER A 63 -31.48 -10.05 -18.36
N ARG A 64 -31.20 -10.89 -19.37
CA ARG A 64 -31.92 -12.16 -19.57
C ARG A 64 -31.30 -13.33 -18.79
N ASN A 65 -30.09 -13.16 -18.24
CA ASN A 65 -29.40 -14.22 -17.51
C ASN A 65 -28.56 -13.60 -16.37
N PRO A 66 -29.20 -12.86 -15.45
CA PRO A 66 -28.43 -12.14 -14.42
C PRO A 66 -27.59 -12.98 -13.50
N GLU A 67 -28.11 -14.13 -13.11
CA GLU A 67 -27.44 -15.03 -12.16
C GLU A 67 -26.13 -15.60 -12.69
N ASN A 68 -26.04 -15.79 -14.00
CA ASN A 68 -24.87 -16.44 -14.61
C ASN A 68 -24.01 -15.52 -15.48
N THR A 69 -24.19 -14.20 -15.32
CA THR A 69 -23.44 -13.20 -16.03
C THR A 69 -22.55 -12.51 -15.02
N VAL A 70 -21.24 -12.78 -15.09
CA VAL A 70 -20.25 -12.26 -14.16
C VAL A 70 -19.61 -11.01 -14.71
N PHE A 71 -19.39 -10.05 -13.86
CA PHE A 71 -18.73 -8.78 -14.14
C PHE A 71 -18.10 -8.31 -12.80
N ASP A 72 -17.30 -7.23 -12.80
CA ASP A 72 -16.69 -6.69 -11.57
C ASP A 72 -15.70 -7.63 -10.90
N ALA A 73 -15.18 -8.65 -11.62
CA ALA A 73 -14.20 -9.56 -11.00
C ALA A 73 -12.94 -8.78 -10.53
N LYS A 74 -12.66 -7.60 -11.12
CA LYS A 74 -11.55 -6.74 -10.70
C LYS A 74 -11.72 -6.25 -9.25
N ARG A 75 -12.99 -6.15 -8.78
CA ARG A 75 -13.24 -5.78 -7.39
C ARG A 75 -12.94 -6.92 -6.44
N LEU A 76 -12.86 -8.17 -6.92
CA LEU A 76 -12.60 -9.35 -6.10
C LEU A 76 -11.19 -9.90 -6.26
N ILE A 77 -10.52 -9.62 -7.39
CA ILE A 77 -9.22 -10.21 -7.70
C ILE A 77 -8.18 -9.90 -6.65
N GLY A 78 -7.54 -10.96 -6.14
CA GLY A 78 -6.52 -10.83 -5.11
C GLY A 78 -7.03 -10.49 -3.73
N ARG A 79 -8.36 -10.50 -3.54
CA ARG A 79 -8.94 -10.22 -2.23
C ARG A 79 -9.34 -11.48 -1.51
N LYS A 80 -9.42 -11.42 -0.16
CA LYS A 80 -9.98 -12.46 0.68
C LYS A 80 -11.48 -12.15 0.74
N PHE A 81 -12.32 -13.19 0.67
CA PHE A 81 -13.78 -13.02 0.69
C PHE A 81 -14.25 -12.20 1.89
N SER A 82 -13.54 -12.33 3.01
CA SER A 82 -13.90 -11.66 4.27
C SER A 82 -13.65 -10.15 4.29
N GLU A 83 -12.91 -9.61 3.33
CA GLU A 83 -12.64 -8.16 3.29
C GLU A 83 -13.94 -7.35 3.30
N THR A 84 -13.96 -6.22 4.03
CA THR A 84 -15.17 -5.40 4.10
C THR A 84 -15.58 -4.86 2.73
N THR A 85 -14.63 -4.68 1.82
CA THR A 85 -14.89 -4.26 0.44
C THR A 85 -15.81 -5.26 -0.25
N VAL A 86 -15.53 -6.56 -0.12
CA VAL A 86 -16.33 -7.60 -0.74
C VAL A 86 -17.76 -7.63 -0.15
N GLN A 87 -17.84 -7.56 1.19
CA GLN A 87 -19.12 -7.58 1.87
C GLN A 87 -20.05 -6.46 1.40
N SER A 88 -19.48 -5.29 1.19
CA SER A 88 -20.19 -4.12 0.76
C SER A 88 -20.52 -4.17 -0.73
N ASP A 89 -19.56 -4.60 -1.57
CA ASP A 89 -19.77 -4.65 -3.02
C ASP A 89 -20.78 -5.69 -3.42
N MET A 90 -20.88 -6.81 -2.71
CA MET A 90 -21.74 -7.92 -3.14
C MET A 90 -23.20 -7.58 -3.30
N LYS A 91 -23.69 -6.49 -2.64
CA LYS A 91 -25.08 -6.06 -2.83
C LYS A 91 -25.38 -5.67 -4.29
N HIS A 92 -24.33 -5.25 -5.01
CA HIS A 92 -24.43 -4.83 -6.40
C HIS A 92 -24.41 -5.97 -7.43
N TRP A 93 -24.18 -7.23 -6.98
CA TRP A 93 -24.03 -8.34 -7.89
C TRP A 93 -25.19 -9.29 -7.91
N PRO A 94 -25.81 -9.52 -9.08
CA PRO A 94 -26.87 -10.53 -9.17
C PRO A 94 -26.31 -11.96 -9.12
N PHE A 95 -25.02 -12.17 -9.33
CA PHE A 95 -24.40 -13.47 -9.28
C PHE A 95 -23.98 -13.79 -7.86
N THR A 96 -23.82 -15.09 -7.56
CA THR A 96 -23.48 -15.53 -6.22
C THR A 96 -22.00 -15.62 -5.99
N VAL A 97 -21.52 -15.05 -4.88
CA VAL A 97 -20.11 -15.14 -4.52
C VAL A 97 -20.06 -15.68 -3.11
N LYS A 98 -19.27 -16.73 -2.90
CA LYS A 98 -19.09 -17.38 -1.60
C LYS A 98 -17.58 -17.49 -1.29
N GLY A 99 -17.23 -17.75 -0.04
CA GLY A 99 -15.85 -17.90 0.35
C GLY A 99 -15.41 -19.36 0.35
N GLY A 100 -14.28 -19.62 -0.25
CA GLY A 100 -13.71 -20.96 -0.25
C GLY A 100 -12.98 -21.27 1.03
N SER A 101 -12.53 -22.53 1.19
CA SER A 101 -11.82 -22.92 2.41
C SER A 101 -10.48 -22.19 2.58
N ASP A 102 -9.86 -21.78 1.46
CA ASP A 102 -8.65 -20.98 1.45
C ASP A 102 -8.90 -19.47 1.67
N GLY A 103 -10.16 -19.06 1.87
CA GLY A 103 -10.55 -17.67 2.07
C GLY A 103 -10.71 -16.87 0.80
N LYS A 104 -10.46 -17.49 -0.36
CA LYS A 104 -10.58 -16.83 -1.65
C LYS A 104 -12.03 -16.82 -2.10
N PRO A 105 -12.45 -15.74 -2.79
CA PRO A 105 -13.82 -15.71 -3.34
C PRO A 105 -14.03 -16.77 -4.43
N MET A 106 -15.22 -17.35 -4.47
CA MET A 106 -15.64 -18.33 -5.46
C MET A 106 -16.92 -17.79 -6.09
N ILE A 107 -16.91 -17.52 -7.38
CA ILE A 107 -18.06 -17.04 -8.11
C ILE A 107 -18.83 -18.25 -8.62
N GLU A 108 -20.09 -18.42 -8.17
CA GLU A 108 -20.93 -19.56 -8.49
C GLU A 108 -21.93 -19.26 -9.57
N VAL A 109 -21.91 -20.06 -10.64
CA VAL A 109 -22.79 -19.92 -11.80
C VAL A 109 -23.29 -21.32 -12.21
N SER A 110 -24.30 -21.35 -13.07
CA SER A 110 -24.80 -22.57 -13.69
C SER A 110 -24.37 -22.51 -15.16
N TYR A 111 -23.67 -23.55 -15.63
CA TYR A 111 -23.16 -23.66 -17.00
C TYR A 111 -23.49 -25.05 -17.52
N GLN A 112 -24.34 -25.11 -18.58
CA GLN A 112 -24.79 -26.37 -19.16
C GLN A 112 -25.50 -27.26 -18.13
N GLY A 113 -26.33 -26.64 -17.31
CA GLY A 113 -27.10 -27.35 -16.28
C GLY A 113 -26.29 -27.85 -15.10
N GLU A 114 -25.07 -27.35 -14.92
CA GLU A 114 -24.20 -27.78 -13.82
C GLU A 114 -23.70 -26.58 -13.02
N LYS A 115 -23.58 -26.75 -11.70
CA LYS A 115 -23.06 -25.70 -10.84
C LYS A 115 -21.54 -25.63 -10.97
N LYS A 116 -20.99 -24.46 -11.33
CA LYS A 116 -19.56 -24.24 -11.49
C LYS A 116 -19.11 -23.07 -10.61
N THR A 117 -17.86 -23.13 -10.12
CA THR A 117 -17.28 -22.08 -9.30
C THR A 117 -15.98 -21.62 -9.94
N PHE A 118 -15.70 -20.32 -9.84
CA PHE A 118 -14.49 -19.75 -10.40
C PHE A 118 -13.88 -18.74 -9.45
N HIS A 119 -12.56 -18.72 -9.36
CA HIS A 119 -11.85 -17.69 -8.62
C HIS A 119 -11.89 -16.43 -9.49
N PRO A 120 -11.78 -15.24 -8.88
CA PRO A 120 -11.81 -14.00 -9.66
C PRO A 120 -10.78 -13.95 -10.79
N GLU A 121 -9.57 -14.48 -10.54
CA GLU A 121 -8.52 -14.49 -11.57
C GLU A 121 -8.86 -15.44 -12.74
N GLU A 122 -9.72 -16.46 -12.51
CA GLU A 122 -10.16 -17.32 -13.60
C GLU A 122 -11.13 -16.54 -14.50
N ILE A 123 -12.01 -15.75 -13.92
CA ILE A 123 -12.92 -14.89 -14.69
C ILE A 123 -12.12 -13.83 -15.46
N SER A 124 -11.16 -13.20 -14.79
CA SER A 124 -10.31 -12.20 -15.46
C SER A 124 -9.48 -12.81 -16.57
N SER A 125 -9.00 -14.07 -16.39
CA SER A 125 -8.24 -14.80 -17.42
C SER A 125 -9.08 -14.99 -18.68
N MET A 126 -10.40 -15.17 -18.54
CA MET A 126 -11.27 -15.31 -19.69
C MET A 126 -11.40 -13.99 -20.44
N VAL A 127 -11.42 -12.86 -19.73
CA VAL A 127 -11.47 -11.54 -20.39
C VAL A 127 -10.12 -11.31 -21.10
N LEU A 128 -9.02 -11.63 -20.42
CA LEU A 128 -7.69 -11.48 -20.99
C LEU A 128 -7.51 -12.36 -22.23
N LYS A 129 -8.05 -13.60 -22.22
CA LYS A 129 -8.01 -14.53 -23.35
C LYS A 129 -8.79 -13.92 -24.53
N LYS A 130 -9.94 -13.29 -24.25
CA LYS A 130 -10.70 -12.60 -25.30
C LYS A 130 -9.88 -11.45 -25.90
N MET A 131 -9.18 -10.64 -25.05
CA MET A 131 -8.38 -9.53 -25.57
C MET A 131 -7.18 -10.03 -26.39
N LYS A 132 -6.59 -11.17 -25.97
CA LYS A 132 -5.50 -11.84 -26.66
C LYS A 132 -6.00 -12.27 -28.05
N GLU A 133 -7.21 -12.86 -28.11
CA GLU A 133 -7.82 -13.30 -29.35
C GLU A 133 -8.17 -12.14 -30.26
N VAL A 134 -8.63 -11.00 -29.70
CA VAL A 134 -8.93 -9.81 -30.49
C VAL A 134 -7.67 -9.35 -31.23
N ALA A 135 -6.52 -9.31 -30.53
CA ALA A 135 -5.25 -8.93 -31.13
C ALA A 135 -4.79 -9.96 -32.15
N GLU A 136 -4.96 -11.26 -31.84
CA GLU A 136 -4.54 -12.33 -32.73
C GLU A 136 -5.30 -12.32 -34.04
N THR A 137 -6.61 -12.02 -34.01
CA THR A 137 -7.44 -11.95 -35.21
C THR A 137 -6.94 -10.82 -36.10
N TYR A 138 -6.63 -9.66 -35.51
CA TYR A 138 -6.11 -8.49 -36.19
C TYR A 138 -4.72 -8.75 -36.81
N LEU A 139 -3.79 -9.27 -36.02
CA LEU A 139 -2.43 -9.55 -36.51
C LEU A 139 -2.35 -10.75 -37.44
N GLY A 140 -3.28 -11.68 -37.30
CA GLY A 140 -3.28 -12.92 -38.05
C GLY A 140 -2.17 -13.87 -37.59
N LYS A 141 -1.65 -13.63 -36.36
CA LYS A 141 -0.54 -14.39 -35.80
C LYS A 141 -0.73 -14.56 -34.28
N PRO A 142 -0.17 -15.62 -33.66
CA PRO A 142 -0.30 -15.78 -32.22
C PRO A 142 0.43 -14.68 -31.45
N VAL A 143 -0.09 -14.31 -30.29
CA VAL A 143 0.46 -13.29 -29.41
C VAL A 143 0.74 -13.99 -28.08
N LYS A 144 1.97 -13.88 -27.57
CA LYS A 144 2.29 -14.50 -26.27
C LYS A 144 2.64 -13.48 -25.21
N ASN A 145 3.30 -12.39 -25.56
CA ASN A 145 3.73 -11.39 -24.59
C ASN A 145 2.75 -10.27 -24.40
N ALA A 146 2.65 -9.76 -23.16
CA ALA A 146 1.74 -8.68 -22.84
C ALA A 146 2.16 -7.88 -21.61
N VAL A 147 1.78 -6.61 -21.58
CA VAL A 147 1.91 -5.76 -20.41
C VAL A 147 0.48 -5.54 -19.98
N ILE A 148 0.15 -5.85 -18.71
CA ILE A 148 -1.21 -5.64 -18.17
C ILE A 148 -1.13 -4.54 -17.11
N THR A 149 -2.09 -3.65 -17.14
CA THR A 149 -2.15 -2.54 -16.22
C THR A 149 -3.05 -2.86 -15.04
N VAL A 150 -2.78 -2.24 -13.90
CA VAL A 150 -3.56 -2.35 -12.66
C VAL A 150 -3.65 -0.97 -12.00
N PRO A 151 -4.67 -0.70 -11.18
CA PRO A 151 -4.73 0.60 -10.49
C PRO A 151 -3.51 0.78 -9.58
N ALA A 152 -3.05 2.02 -9.41
CA ALA A 152 -1.88 2.32 -8.57
C ALA A 152 -2.02 1.80 -7.16
N TYR A 153 -3.24 1.79 -6.60
CA TYR A 153 -3.46 1.34 -5.23
C TYR A 153 -3.49 -0.19 -5.06
N PHE A 154 -3.46 -0.97 -6.16
CA PHE A 154 -3.48 -2.44 -6.05
C PHE A 154 -2.31 -2.92 -5.22
N ASN A 155 -2.56 -3.80 -4.30
CA ASN A 155 -1.51 -4.34 -3.42
C ASN A 155 -0.82 -5.54 -4.09
N ASP A 156 0.18 -6.13 -3.42
CA ASP A 156 0.90 -7.27 -3.97
C ASP A 156 -0.03 -8.43 -4.33
N SER A 157 -1.03 -8.73 -3.49
CA SER A 157 -1.95 -9.82 -3.74
C SER A 157 -2.80 -9.59 -5.00
N GLN A 158 -3.30 -8.37 -5.18
CA GLN A 158 -4.10 -7.99 -6.33
C GLN A 158 -3.26 -7.99 -7.60
N ARG A 159 -1.98 -7.55 -7.52
CA ARG A 159 -1.09 -7.54 -8.67
C ARG A 159 -0.71 -8.95 -9.09
N GLN A 160 -0.38 -9.80 -8.13
CA GLN A 160 -0.01 -11.17 -8.39
C GLN A 160 -1.16 -11.94 -9.00
N ALA A 161 -2.39 -11.72 -8.50
CA ALA A 161 -3.55 -12.40 -9.03
C ALA A 161 -3.84 -11.95 -10.48
N THR A 162 -3.60 -10.66 -10.80
CA THR A 162 -3.77 -10.16 -12.15
C THR A 162 -2.71 -10.82 -13.09
N LYS A 163 -1.49 -11.01 -12.58
CA LYS A 163 -0.41 -11.67 -13.33
C LYS A 163 -0.81 -13.13 -13.57
N ASP A 164 -1.37 -13.80 -12.56
CA ASP A 164 -1.83 -15.19 -12.65
C ASP A 164 -2.95 -15.28 -13.69
N ALA A 165 -3.87 -14.31 -13.72
CA ALA A 165 -4.93 -14.28 -14.73
C ALA A 165 -4.34 -14.26 -16.15
N GLY A 166 -3.26 -13.50 -16.33
CA GLY A 166 -2.55 -13.43 -17.59
C GLY A 166 -1.94 -14.76 -17.96
N ALA A 167 -1.27 -15.42 -17.01
CA ALA A 167 -0.65 -16.73 -17.23
C ALA A 167 -1.70 -17.76 -17.62
N ILE A 168 -2.85 -17.77 -16.94
CA ILE A 168 -3.94 -18.69 -17.23
C ILE A 168 -4.45 -18.48 -18.66
N ALA A 169 -4.53 -17.19 -19.09
CA ALA A 169 -4.96 -16.81 -20.44
C ALA A 169 -3.95 -17.15 -21.54
N GLY A 170 -2.78 -17.66 -21.18
CA GLY A 170 -1.73 -18.02 -22.13
C GLY A 170 -0.77 -16.88 -22.47
N LEU A 171 -0.75 -15.84 -21.67
CA LEU A 171 0.12 -14.69 -21.88
C LEU A 171 1.34 -14.79 -20.98
N ASN A 172 2.45 -14.30 -21.49
CA ASN A 172 3.70 -14.17 -20.78
C ASN A 172 3.66 -12.72 -20.39
N VAL A 173 3.35 -12.46 -19.14
CA VAL A 173 3.21 -11.10 -18.63
C VAL A 173 4.58 -10.50 -18.43
N LEU A 174 4.99 -9.64 -19.38
CA LEU A 174 6.28 -8.99 -19.29
C LEU A 174 6.36 -8.11 -18.06
N ARG A 175 5.23 -7.44 -17.73
CA ARG A 175 5.19 -6.54 -16.61
C ARG A 175 3.78 -6.14 -16.29
N ILE A 176 3.52 -5.89 -15.00
CA ILE A 176 2.31 -5.29 -14.49
C ILE A 176 2.68 -3.82 -14.25
N ILE A 177 1.98 -2.86 -14.84
CA ILE A 177 2.30 -1.45 -14.60
C ILE A 177 1.06 -0.70 -14.11
N ASN A 178 1.25 0.47 -13.48
CA ASN A 178 0.14 1.27 -12.98
C ASN A 178 -0.62 1.93 -14.10
N GLU A 179 -1.94 1.95 -13.98
CA GLU A 179 -2.85 2.59 -14.91
C GLU A 179 -2.54 4.08 -15.12
N PRO A 180 -2.35 4.90 -14.07
CA PRO A 180 -2.03 6.32 -14.30
C PRO A 180 -0.71 6.51 -15.02
N THR A 181 0.29 5.67 -14.71
CA THR A 181 1.58 5.72 -15.35
C THR A 181 1.43 5.36 -16.82
N ALA A 182 0.60 4.34 -17.16
CA ALA A 182 0.36 3.97 -18.54
C ALA A 182 -0.27 5.12 -19.32
N ALA A 183 -1.20 5.85 -18.71
CA ALA A 183 -1.86 6.99 -19.38
C ALA A 183 -0.85 8.09 -19.66
N ALA A 184 0.06 8.35 -18.73
CA ALA A 184 1.10 9.36 -18.90
C ALA A 184 2.07 8.96 -20.00
N ILE A 185 2.47 7.67 -20.06
CA ILE A 185 3.37 7.14 -21.10
C ILE A 185 2.73 7.31 -22.47
N ALA A 186 1.41 7.07 -22.58
CA ALA A 186 0.65 7.23 -23.81
C ALA A 186 0.84 8.61 -24.43
N TYR A 187 0.88 9.67 -23.60
CA TYR A 187 1.03 11.03 -24.08
C TYR A 187 2.47 11.47 -24.28
N GLY A 188 3.44 10.57 -24.10
CA GLY A 188 4.85 10.86 -24.26
C GLY A 188 5.34 11.93 -23.29
N LEU A 189 4.69 12.02 -22.12
CA LEU A 189 5.06 13.00 -21.12
C LEU A 189 6.39 12.66 -20.46
N ASP A 190 6.83 11.38 -20.54
CA ASP A 190 8.14 10.94 -20.06
C ASP A 190 9.29 11.44 -20.94
N LYS A 191 9.04 11.61 -22.24
CA LYS A 191 10.03 12.01 -23.18
C LYS A 191 10.06 13.54 -23.39
N LYS A 192 8.90 14.15 -23.75
CA LYS A 192 8.84 15.60 -24.04
C LYS A 192 9.06 16.38 -22.76
N GLY A 193 10.18 17.14 -22.73
CA GLY A 193 10.60 17.93 -21.58
C GLY A 193 11.41 17.13 -20.55
N LYS A 194 12.73 17.43 -20.45
CA LYS A 194 13.70 16.79 -19.51
C LYS A 194 13.41 17.19 -18.04
N GLY A 195 12.91 18.42 -17.84
CA GLY A 195 12.61 18.97 -16.52
C GLY A 195 11.59 18.17 -15.73
N GLU A 196 11.44 18.48 -14.43
CA GLU A 196 10.48 17.79 -13.58
C GLU A 196 9.10 18.23 -13.99
N GLN A 197 8.18 17.26 -14.14
CA GLN A 197 6.81 17.50 -14.53
C GLN A 197 5.86 16.86 -13.54
N ASN A 198 4.87 17.62 -13.10
CA ASN A 198 3.82 17.16 -12.19
C ASN A 198 2.62 16.89 -13.05
N ILE A 199 2.19 15.62 -13.11
CA ILE A 199 1.10 15.20 -13.97
C ILE A 199 -0.07 14.73 -13.14
N LEU A 200 -1.28 15.26 -13.39
CA LEU A 200 -2.48 14.76 -12.72
C LEU A 200 -3.28 13.88 -13.66
N ILE A 201 -3.49 12.62 -13.30
CA ILE A 201 -4.32 11.69 -14.09
C ILE A 201 -5.71 11.70 -13.46
N PHE A 202 -6.74 12.12 -14.20
CA PHE A 202 -8.12 12.15 -13.76
C PHE A 202 -8.83 11.01 -14.50
N ASP A 203 -9.02 9.88 -13.83
CA ASP A 203 -9.59 8.67 -14.42
C ASP A 203 -11.00 8.38 -13.89
N LEU A 204 -12.02 8.66 -14.69
CA LEU A 204 -13.40 8.41 -14.30
C LEU A 204 -14.00 7.39 -15.28
N GLY A 205 -14.05 6.12 -14.89
CA GLY A 205 -14.57 5.05 -15.73
C GLY A 205 -16.05 4.76 -15.50
N GLY A 206 -16.42 3.47 -15.61
CA GLY A 206 -17.78 3.02 -15.42
C GLY A 206 -18.15 2.80 -13.98
N GLY A 207 -17.19 2.39 -13.15
CA GLY A 207 -17.50 2.14 -11.75
C GLY A 207 -16.63 2.84 -10.74
N THR A 208 -15.43 3.23 -11.12
CA THR A 208 -14.46 3.82 -10.20
C THR A 208 -13.97 5.20 -10.66
N PHE A 209 -13.44 5.96 -9.70
CA PHE A 209 -12.87 7.26 -9.95
C PHE A 209 -11.51 7.28 -9.28
N ASP A 210 -10.45 7.49 -10.05
CA ASP A 210 -9.07 7.51 -9.54
C ASP A 210 -8.37 8.75 -9.98
N VAL A 211 -7.80 9.49 -9.04
CA VAL A 211 -6.98 10.66 -9.31
C VAL A 211 -5.60 10.32 -8.82
N SER A 212 -4.58 10.48 -9.67
CA SER A 212 -3.21 10.17 -9.30
C SER A 212 -2.32 11.32 -9.69
N LEU A 213 -1.43 11.71 -8.80
CA LEU A 213 -0.49 12.77 -9.07
C LEU A 213 0.89 12.14 -9.23
N LEU A 214 1.46 12.25 -10.41
CA LEU A 214 2.75 11.68 -10.75
C LEU A 214 3.79 12.78 -10.89
N THR A 215 5.05 12.41 -10.71
CA THR A 215 6.19 13.28 -10.99
C THR A 215 7.07 12.53 -11.97
N LEU A 216 7.54 13.23 -12.99
CA LEU A 216 8.40 12.68 -14.03
C LEU A 216 9.68 13.45 -14.07
N GLU A 217 10.77 12.87 -13.60
CA GLU A 217 12.07 13.52 -13.76
C GLU A 217 13.02 12.54 -14.41
N ASP A 218 13.44 12.88 -15.66
CA ASP A 218 14.38 12.10 -16.46
C ASP A 218 13.86 10.69 -16.83
N GLY A 219 12.67 10.65 -17.43
CA GLY A 219 12.03 9.42 -17.89
C GLY A 219 11.52 8.48 -16.81
N ILE A 220 11.60 8.91 -15.55
CA ILE A 220 11.20 8.11 -14.41
C ILE A 220 9.92 8.67 -13.80
N PHE A 221 8.84 7.88 -13.80
CA PHE A 221 7.56 8.25 -13.20
C PHE A 221 7.40 7.73 -11.79
N GLU A 222 7.06 8.62 -10.86
CA GLU A 222 6.79 8.23 -9.48
C GLU A 222 5.38 8.68 -9.13
N VAL A 223 4.59 7.78 -8.50
CA VAL A 223 3.24 8.11 -8.07
C VAL A 223 3.35 8.76 -6.69
N LYS A 224 3.20 10.09 -6.62
CA LYS A 224 3.34 10.86 -5.38
C LYS A 224 2.11 10.78 -4.46
N ALA A 225 0.93 10.78 -5.03
CA ALA A 225 -0.31 10.74 -4.25
C ALA A 225 -1.45 10.20 -5.07
N THR A 226 -2.34 9.44 -4.48
CA THR A 226 -3.53 8.92 -5.14
C THR A 226 -4.74 9.15 -4.24
N SER A 227 -5.91 9.28 -4.82
CA SER A 227 -7.17 9.45 -4.11
C SER A 227 -8.27 9.18 -5.13
N GLY A 228 -9.52 9.15 -4.70
CA GLY A 228 -10.65 8.93 -5.59
C GLY A 228 -11.84 8.39 -4.83
N ASP A 229 -12.63 7.56 -5.49
CA ASP A 229 -13.80 6.97 -4.92
C ASP A 229 -14.05 5.68 -5.69
N THR A 230 -13.87 4.52 -5.05
CA THR A 230 -14.06 3.21 -5.70
C THR A 230 -15.48 2.94 -6.14
N HIS A 231 -16.44 3.82 -5.77
CA HIS A 231 -17.84 3.66 -6.13
C HIS A 231 -18.44 4.92 -6.70
N LEU A 232 -17.70 5.58 -7.60
CA LEU A 232 -18.18 6.72 -8.34
C LEU A 232 -17.70 6.53 -9.77
N GLY A 233 -18.63 6.38 -10.69
CA GLY A 233 -18.33 6.22 -12.11
C GLY A 233 -19.55 6.47 -12.94
N GLY A 234 -19.47 6.15 -14.23
CA GLY A 234 -20.60 6.32 -15.13
C GLY A 234 -21.86 5.60 -14.67
N GLU A 235 -21.73 4.39 -14.06
CA GLU A 235 -22.91 3.63 -13.63
C GLU A 235 -23.75 4.41 -12.61
N ASP A 236 -23.12 5.29 -11.83
CA ASP A 236 -23.80 6.14 -10.87
C ASP A 236 -24.56 7.29 -11.56
N PHE A 237 -24.08 7.78 -12.70
CA PHE A 237 -24.78 8.80 -13.49
C PHE A 237 -25.97 8.15 -14.19
N ASP A 238 -25.83 6.87 -14.63
CA ASP A 238 -26.94 6.12 -15.23
C ASP A 238 -28.04 5.95 -14.18
N ASN A 239 -27.66 5.64 -12.91
CA ASN A 239 -28.57 5.46 -11.80
C ASN A 239 -29.33 6.71 -11.50
N LYS A 240 -28.74 7.90 -11.71
CA LYS A 240 -29.43 9.17 -11.50
C LYS A 240 -30.56 9.33 -12.50
N LEU A 241 -30.34 8.87 -13.75
CA LEU A 241 -31.35 8.93 -14.80
C LEU A 241 -32.43 7.88 -14.52
N VAL A 242 -32.04 6.68 -14.07
CA VAL A 242 -32.97 5.60 -13.72
C VAL A 242 -33.92 6.09 -12.62
N ASN A 243 -33.38 6.62 -11.49
CA ASN A 243 -34.17 7.15 -10.36
C ASN A 243 -35.17 8.20 -10.83
N PHE A 244 -34.74 9.09 -11.74
CA PHE A 244 -35.61 10.13 -12.29
C PHE A 244 -36.74 9.51 -13.12
N CYS A 245 -36.42 8.57 -14.03
CA CYS A 245 -37.39 7.90 -14.90
C CYS A 245 -38.39 7.09 -14.12
N VAL A 246 -37.96 6.44 -13.02
CA VAL A 246 -38.82 5.65 -12.15
C VAL A 246 -39.90 6.58 -11.56
N GLN A 247 -39.49 7.77 -11.11
CA GLN A 247 -40.38 8.79 -10.55
C GLN A 247 -41.27 9.41 -11.59
N ASP A 248 -40.74 9.60 -12.79
CA ASP A 248 -41.48 10.18 -13.93
C ASP A 248 -42.58 9.21 -14.38
N PHE A 249 -42.28 7.89 -14.38
CA PHE A 249 -43.25 6.85 -14.76
C PHE A 249 -44.40 6.86 -13.77
N LYS A 250 -44.10 7.01 -12.46
CA LYS A 250 -45.08 7.08 -11.38
C LYS A 250 -46.04 8.24 -11.63
N LYS A 251 -45.53 9.45 -11.92
CA LYS A 251 -46.33 10.65 -12.18
C LYS A 251 -47.17 10.55 -13.45
N LYS A 252 -46.77 9.70 -14.40
CA LYS A 252 -47.50 9.53 -15.66
C LYS A 252 -48.55 8.41 -15.57
N ASN A 253 -48.24 7.35 -14.84
CA ASN A 253 -49.04 6.13 -14.79
C ASN A 253 -49.51 5.80 -13.38
N GLY A 254 -50.35 6.69 -12.84
CA GLY A 254 -51.01 6.57 -11.54
C GLY A 254 -50.30 5.83 -10.42
N GLY A 255 -49.06 6.26 -10.15
CA GLY A 255 -48.21 5.72 -9.09
C GLY A 255 -47.53 4.37 -9.29
N LYS A 256 -47.67 3.77 -10.50
CA LYS A 256 -47.07 2.46 -10.78
C LYS A 256 -45.54 2.51 -10.61
N ASP A 257 -44.99 1.51 -9.91
CA ASP A 257 -43.58 1.49 -9.54
C ASP A 257 -42.74 0.48 -10.31
N VAL A 258 -41.98 0.96 -11.29
CA VAL A 258 -41.08 0.19 -12.15
C VAL A 258 -40.01 -0.52 -11.33
N SER A 259 -39.55 0.10 -10.24
CA SER A 259 -38.50 -0.44 -9.38
C SER A 259 -38.83 -1.78 -8.75
N LYS A 260 -40.12 -2.15 -8.69
CA LYS A 260 -40.58 -3.43 -8.18
C LYS A 260 -40.16 -4.60 -9.11
N ASN A 261 -39.93 -4.32 -10.41
CA ASN A 261 -39.51 -5.32 -11.39
C ASN A 261 -38.04 -5.07 -11.74
N SER A 262 -37.16 -6.01 -11.37
CA SER A 262 -35.73 -5.85 -11.63
C SER A 262 -35.39 -5.92 -13.12
N LYS A 263 -36.17 -6.67 -13.91
CA LYS A 263 -35.93 -6.73 -15.35
C LYS A 263 -36.30 -5.40 -16.00
N SER A 264 -37.39 -4.74 -15.53
CA SER A 264 -37.79 -3.43 -16.02
C SER A 264 -36.69 -2.40 -15.69
N LEU A 265 -36.10 -2.49 -14.49
CA LEU A 265 -35.02 -1.58 -14.10
C LEU A 265 -33.79 -1.74 -14.99
N ARG A 266 -33.38 -3.00 -15.28
CA ARG A 266 -32.20 -3.29 -16.12
C ARG A 266 -32.40 -2.75 -17.53
N ARG A 267 -33.59 -2.94 -18.10
CA ARG A 267 -33.90 -2.45 -19.43
C ARG A 267 -33.91 -0.92 -19.46
N LEU A 268 -34.39 -0.28 -18.39
CA LEU A 268 -34.44 1.17 -18.27
C LEU A 268 -33.02 1.72 -18.14
N ARG A 269 -32.18 1.03 -17.34
CA ARG A 269 -30.77 1.38 -17.12
C ARG A 269 -29.99 1.37 -18.43
N THR A 270 -30.20 0.34 -19.27
CA THR A 270 -29.58 0.22 -20.59
C THR A 270 -29.83 1.45 -21.44
N GLN A 271 -31.09 1.90 -21.50
CA GLN A 271 -31.50 3.08 -22.26
C GLN A 271 -31.03 4.37 -21.63
N CYS A 272 -30.88 4.42 -20.29
CA CYS A 272 -30.40 5.60 -19.60
C CYS A 272 -28.94 5.83 -19.93
N GLU A 273 -28.12 4.75 -19.97
CA GLU A 273 -26.71 4.90 -20.34
C GLU A 273 -26.58 5.39 -21.81
N LYS A 274 -27.45 4.90 -22.73
CA LYS A 274 -27.39 5.33 -24.13
C LYS A 274 -27.69 6.81 -24.23
N ALA A 275 -28.72 7.30 -23.53
CA ALA A 275 -29.09 8.71 -23.53
C ALA A 275 -27.97 9.58 -22.95
N LYS A 276 -27.33 9.12 -21.87
CA LYS A 276 -26.20 9.77 -21.25
C LYS A 276 -25.07 9.98 -22.26
N ARG A 277 -24.73 8.95 -23.04
CA ARG A 277 -23.66 9.09 -24.04
C ARG A 277 -24.04 10.12 -25.10
N VAL A 278 -25.30 10.13 -25.53
CA VAL A 278 -25.78 11.09 -26.53
C VAL A 278 -25.65 12.51 -26.01
N LEU A 279 -25.97 12.73 -24.74
CA LEU A 279 -25.86 14.02 -24.09
C LEU A 279 -24.42 14.58 -24.00
N SER A 280 -23.40 13.77 -24.30
CA SER A 280 -22.02 14.26 -24.33
C SER A 280 -21.75 15.02 -25.64
N SER A 281 -22.57 14.83 -26.69
CA SER A 281 -22.39 15.55 -27.95
C SER A 281 -23.67 16.25 -28.46
N SER A 282 -24.82 16.01 -27.82
CA SER A 282 -26.07 16.68 -28.15
C SER A 282 -26.68 17.38 -26.93
N ALA A 283 -27.56 18.36 -27.15
CA ALA A 283 -28.21 19.09 -26.07
C ALA A 283 -29.40 18.35 -25.45
N GLN A 284 -29.91 17.33 -26.14
CA GLN A 284 -31.09 16.54 -25.76
C GLN A 284 -30.94 15.09 -26.19
N ALA A 285 -31.70 14.22 -25.54
CA ALA A 285 -31.71 12.80 -25.84
C ALA A 285 -33.05 12.23 -25.41
N THR A 286 -33.45 11.11 -26.01
CA THR A 286 -34.70 10.46 -25.67
C THR A 286 -34.41 9.12 -25.01
N ILE A 287 -35.11 8.85 -23.91
CA ILE A 287 -35.04 7.58 -23.21
C ILE A 287 -36.36 6.92 -23.56
N GLU A 288 -36.29 5.75 -24.19
CA GLU A 288 -37.49 5.06 -24.63
C GLU A 288 -37.39 3.58 -24.37
N VAL A 289 -38.38 3.01 -23.70
CA VAL A 289 -38.47 1.57 -23.43
C VAL A 289 -39.90 1.17 -23.73
N ASP A 290 -40.08 0.37 -24.80
CA ASP A 290 -41.40 -0.11 -25.17
C ASP A 290 -41.75 -1.25 -24.21
N SER A 291 -43.01 -1.26 -23.70
CA SER A 291 -43.51 -2.26 -22.74
C SER A 291 -42.52 -2.43 -21.57
N LEU A 292 -42.24 -1.31 -20.89
CA LEU A 292 -41.30 -1.26 -19.78
C LEU A 292 -41.83 -2.05 -18.59
N PHE A 293 -43.02 -1.69 -18.11
CA PHE A 293 -43.66 -2.25 -16.94
C PHE A 293 -45.15 -2.24 -17.18
N ASP A 294 -45.79 -3.37 -16.89
CA ASP A 294 -47.19 -3.62 -17.06
C ASP A 294 -47.63 -3.36 -18.49
N GLY A 295 -46.77 -3.70 -19.46
CA GLY A 295 -47.03 -3.49 -20.88
C GLY A 295 -47.16 -2.04 -21.29
N ILE A 296 -46.77 -1.10 -20.40
CA ILE A 296 -46.84 0.33 -20.68
C ILE A 296 -45.52 0.79 -21.28
N ASP A 297 -45.62 1.54 -22.40
CA ASP A 297 -44.47 2.11 -23.07
C ASP A 297 -44.01 3.33 -22.30
N TYR A 298 -42.70 3.52 -22.25
CA TYR A 298 -42.12 4.67 -21.56
C TYR A 298 -41.31 5.48 -22.52
N ASN A 299 -41.50 6.80 -22.46
CA ASN A 299 -40.76 7.75 -23.29
C ASN A 299 -40.56 9.04 -22.49
N VAL A 300 -39.37 9.63 -22.57
CA VAL A 300 -39.05 10.90 -21.92
C VAL A 300 -37.89 11.58 -22.65
N ASN A 301 -37.90 12.92 -22.67
CA ASN A 301 -36.82 13.67 -23.30
C ASN A 301 -35.97 14.30 -22.18
N ILE A 302 -34.66 14.07 -22.21
CA ILE A 302 -33.75 14.59 -21.20
C ILE A 302 -32.82 15.61 -21.82
N THR A 303 -32.83 16.85 -21.33
CA THR A 303 -31.90 17.85 -21.82
C THR A 303 -30.56 17.65 -21.09
N ARG A 304 -29.45 18.14 -21.68
CA ARG A 304 -28.13 18.07 -21.05
C ARG A 304 -28.16 18.83 -19.72
N ALA A 305 -28.92 19.95 -19.65
CA ALA A 305 -29.13 20.75 -18.46
C ALA A 305 -29.77 19.91 -17.32
N LYS A 306 -30.79 19.08 -17.63
CA LYS A 306 -31.45 18.24 -16.62
C LYS A 306 -30.51 17.13 -16.14
N PHE A 307 -29.71 16.56 -17.05
CA PHE A 307 -28.73 15.53 -16.70
C PHE A 307 -27.67 16.13 -15.78
N GLU A 308 -27.20 17.34 -16.11
CA GLU A 308 -26.23 18.08 -15.32
C GLU A 308 -26.80 18.39 -13.92
N GLU A 309 -28.08 18.72 -13.84
CA GLU A 309 -28.77 19.02 -12.58
C GLU A 309 -28.87 17.76 -11.71
N LEU A 310 -29.29 16.63 -12.28
CA LEU A 310 -29.39 15.36 -11.55
C LEU A 310 -28.06 14.90 -11.02
N CYS A 311 -26.97 15.15 -11.77
CA CYS A 311 -25.63 14.70 -11.39
C CYS A 311 -24.73 15.77 -10.78
N MET A 312 -25.27 16.99 -10.56
CA MET A 312 -24.56 18.18 -10.10
C MET A 312 -23.60 17.98 -8.94
N ASP A 313 -24.06 17.35 -7.86
CA ASP A 313 -23.21 17.12 -6.68
C ASP A 313 -22.13 16.12 -7.01
N GLN A 314 -22.47 15.03 -7.69
CA GLN A 314 -21.52 13.99 -8.03
C GLN A 314 -20.40 14.51 -8.94
N PHE A 315 -20.74 15.37 -9.90
CA PHE A 315 -19.79 15.97 -10.81
C PHE A 315 -18.83 16.90 -10.08
N ARG A 316 -19.37 17.83 -9.27
CA ARG A 316 -18.58 18.79 -8.50
C ARG A 316 -17.69 18.08 -7.48
N ASN A 317 -18.18 17.00 -6.88
CA ASN A 317 -17.41 16.25 -5.88
C ASN A 317 -16.22 15.50 -6.47
N THR A 318 -16.10 15.41 -7.79
CA THR A 318 -14.91 14.80 -8.41
C THR A 318 -13.68 15.68 -8.14
N LEU A 319 -13.86 16.98 -7.84
CA LEU A 319 -12.75 17.87 -7.52
C LEU A 319 -12.19 17.63 -6.11
N ILE A 320 -12.96 17.01 -5.21
CA ILE A 320 -12.50 16.75 -3.85
C ILE A 320 -11.26 15.85 -3.85
N PRO A 321 -11.24 14.67 -4.55
CA PRO A 321 -9.99 13.89 -4.61
C PRO A 321 -8.84 14.59 -5.35
N VAL A 322 -9.15 15.55 -6.23
CA VAL A 322 -8.11 16.34 -6.89
C VAL A 322 -7.42 17.23 -5.82
N GLU A 323 -8.23 17.90 -4.96
CA GLU A 323 -7.71 18.73 -3.90
C GLU A 323 -6.95 17.90 -2.90
N LYS A 324 -7.44 16.69 -2.60
CA LYS A 324 -6.78 15.76 -1.68
C LYS A 324 -5.39 15.33 -2.14
N VAL A 325 -5.19 14.94 -3.44
CA VAL A 325 -3.87 14.53 -3.92
C VAL A 325 -2.88 15.71 -3.90
N LEU A 326 -3.37 16.92 -4.20
CA LEU A 326 -2.52 18.10 -4.21
C LEU A 326 -2.05 18.40 -2.78
N LYS A 327 -2.97 18.29 -1.81
CA LYS A 327 -2.65 18.47 -0.39
C LYS A 327 -1.62 17.40 0.07
N ASP A 328 -1.87 16.10 -0.20
CA ASP A 328 -0.95 15.02 0.15
C ASP A 328 0.43 15.23 -0.46
N ALA A 329 0.48 15.65 -1.74
CA ALA A 329 1.77 15.88 -2.40
C ALA A 329 2.39 17.23 -2.05
N LYS A 330 1.75 18.02 -1.18
CA LYS A 330 2.21 19.34 -0.75
C LYS A 330 2.45 20.26 -1.94
N MET A 331 1.48 20.31 -2.89
CA MET A 331 1.66 21.21 -4.03
C MET A 331 0.38 21.97 -4.37
N ASP A 332 0.57 23.12 -5.04
CA ASP A 332 -0.49 24.01 -5.49
C ASP A 332 -0.98 23.54 -6.87
N LYS A 333 -2.26 23.75 -7.20
CA LYS A 333 -2.81 23.35 -8.49
C LYS A 333 -2.08 24.00 -9.68
N SER A 334 -1.49 25.19 -9.46
CA SER A 334 -0.71 25.91 -10.47
C SER A 334 0.58 25.16 -10.86
N GLN A 335 1.05 24.25 -10.01
CA GLN A 335 2.25 23.45 -10.26
C GLN A 335 1.98 22.19 -11.09
N VAL A 336 0.72 21.91 -11.48
CA VAL A 336 0.41 20.76 -12.32
C VAL A 336 0.68 21.15 -13.79
N HIS A 337 1.63 20.47 -14.44
CA HIS A 337 2.02 20.75 -15.82
C HIS A 337 1.05 20.19 -16.83
N GLU A 338 0.48 18.99 -16.56
CA GLU A 338 -0.49 18.35 -17.46
C GLU A 338 -1.57 17.64 -16.68
N ILE A 339 -2.83 17.79 -17.11
CA ILE A 339 -4.00 17.08 -16.58
C ILE A 339 -4.44 16.12 -17.69
N VAL A 340 -4.36 14.82 -17.47
CA VAL A 340 -4.75 13.81 -18.45
C VAL A 340 -6.13 13.22 -18.14
N LEU A 341 -7.08 13.33 -19.08
CA LEU A 341 -8.40 12.76 -18.92
C LEU A 341 -8.42 11.32 -19.39
N VAL A 342 -8.73 10.39 -18.47
CA VAL A 342 -8.79 8.94 -18.70
C VAL A 342 -10.18 8.44 -18.24
N GLY A 343 -10.70 7.38 -18.85
CA GLY A 343 -11.98 6.81 -18.47
C GLY A 343 -13.06 7.35 -19.37
N GLY A 344 -14.01 6.48 -19.71
CA GLY A 344 -15.07 6.88 -20.60
C GLY A 344 -15.93 8.04 -20.12
N SER A 345 -16.08 8.20 -18.80
CA SER A 345 -16.92 9.27 -18.28
C SER A 345 -16.32 10.66 -18.45
N THR A 346 -15.02 10.77 -18.75
CA THR A 346 -14.40 12.08 -18.93
C THR A 346 -14.87 12.74 -20.24
N ARG A 347 -15.71 12.05 -21.05
CA ARG A 347 -16.31 12.62 -22.25
C ARG A 347 -17.46 13.57 -21.90
N ILE A 348 -17.96 13.54 -20.66
CA ILE A 348 -19.04 14.41 -20.24
C ILE A 348 -18.57 15.85 -20.23
N PRO A 349 -19.17 16.72 -21.06
CA PRO A 349 -18.73 18.12 -21.11
C PRO A 349 -18.63 18.83 -19.76
N LYS A 350 -19.63 18.65 -18.88
CA LYS A 350 -19.63 19.30 -17.57
C LYS A 350 -18.40 18.93 -16.76
N ILE A 351 -17.99 17.65 -16.79
CA ILE A 351 -16.80 17.20 -16.08
C ILE A 351 -15.58 17.88 -16.60
N GLN A 352 -15.42 17.95 -17.94
CA GLN A 352 -14.28 18.61 -18.55
C GLN A 352 -14.23 20.09 -18.18
N GLN A 353 -15.39 20.76 -18.13
CA GLN A 353 -15.48 22.17 -17.77
C GLN A 353 -15.12 22.39 -16.30
N LEU A 354 -15.60 21.52 -15.43
CA LEU A 354 -15.30 21.62 -14.01
C LEU A 354 -13.80 21.50 -13.73
N ILE A 355 -13.12 20.56 -14.40
CA ILE A 355 -11.67 20.34 -14.25
C ILE A 355 -10.88 21.55 -14.80
N LYS A 356 -11.30 22.06 -15.96
CA LYS A 356 -10.65 23.20 -16.60
C LYS A 356 -10.76 24.42 -15.70
N ASP A 357 -11.95 24.68 -15.14
CA ASP A 357 -12.17 25.81 -14.27
C ASP A 357 -11.33 25.68 -13.01
N PHE A 358 -11.27 24.46 -12.44
CA PHE A 358 -10.46 24.21 -11.26
C PHE A 358 -8.99 24.52 -11.52
N PHE A 359 -8.48 24.12 -12.69
CA PHE A 359 -7.10 24.38 -13.05
C PHE A 359 -6.89 25.74 -13.76
N ASN A 360 -7.78 26.69 -13.49
CA ASN A 360 -7.71 28.06 -13.99
C ASN A 360 -7.59 28.17 -15.51
N GLY A 361 -8.39 27.39 -16.22
CA GLY A 361 -8.43 27.48 -17.68
C GLY A 361 -7.41 26.66 -18.45
N LYS A 362 -6.65 25.83 -17.74
CA LYS A 362 -5.68 24.95 -18.40
C LYS A 362 -6.41 23.88 -19.16
N GLU A 363 -6.05 23.67 -20.43
CA GLU A 363 -6.69 22.63 -21.24
C GLU A 363 -6.15 21.26 -20.87
N PRO A 364 -7.04 20.33 -20.50
CA PRO A 364 -6.56 18.97 -20.20
C PRO A 364 -6.18 18.21 -21.46
N CSX A 365 -5.25 17.24 -21.32
CA CSX A 365 -4.83 16.38 -22.42
CA CSX A 365 -4.82 16.37 -22.41
CB CSX A 365 -3.42 15.79 -22.29
CB CSX A 365 -3.55 15.59 -22.08
SG CSX A 365 -2.13 17.06 -22.55
SG CSX A 365 -2.11 16.65 -21.74
C CSX A 365 -5.92 15.33 -22.60
O CSX A 365 -6.17 14.52 -21.70
OD CSX A 365 -1.43 17.04 -23.81
OD CSX A 365 -0.93 15.85 -21.75
N LYS A 366 -6.60 15.38 -23.73
CA LYS A 366 -7.70 14.46 -24.04
C LYS A 366 -7.68 14.03 -25.52
N ALA A 367 -6.56 14.19 -26.21
CA ALA A 367 -6.43 13.84 -27.60
C ALA A 367 -6.62 12.35 -27.80
N ILE A 368 -6.10 11.52 -26.88
CA ILE A 368 -6.30 10.07 -26.97
C ILE A 368 -7.68 9.74 -26.38
N ASN A 369 -8.52 8.93 -27.09
CA ASN A 369 -9.85 8.44 -26.64
C ASN A 369 -9.69 7.97 -25.21
N PRO A 370 -10.34 8.65 -24.26
CA PRO A 370 -10.00 8.43 -22.84
C PRO A 370 -10.13 6.99 -22.35
N ASP A 371 -11.02 6.22 -22.96
CA ASP A 371 -11.18 4.81 -22.61
C ASP A 371 -10.13 3.88 -23.29
N GLU A 372 -9.18 4.47 -24.07
CA GLU A 372 -8.10 3.79 -24.77
C GLU A 372 -6.70 4.22 -24.27
N ALA A 373 -6.58 5.37 -23.56
CA ALA A 373 -5.27 5.87 -23.14
C ALA A 373 -4.43 4.88 -22.32
N VAL A 374 -5.05 4.11 -21.42
CA VAL A 374 -4.31 3.14 -20.61
C VAL A 374 -3.76 1.99 -21.46
N ALA A 375 -4.59 1.40 -22.34
CA ALA A 375 -4.11 0.35 -23.25
C ALA A 375 -3.01 0.87 -24.17
N TYR A 376 -3.14 2.12 -24.60
CA TYR A 376 -2.20 2.80 -25.48
C TYR A 376 -0.81 2.86 -24.79
N GLY A 377 -0.77 3.31 -23.54
CA GLY A 377 0.47 3.36 -22.76
C GLY A 377 1.06 2.00 -22.48
N ALA A 378 0.22 1.03 -22.15
CA ALA A 378 0.66 -0.35 -21.91
C ALA A 378 1.26 -0.94 -23.18
N ALA A 379 0.70 -0.61 -24.35
CA ALA A 379 1.20 -1.08 -25.63
C ALA A 379 2.58 -0.51 -25.91
N VAL A 380 2.80 0.77 -25.56
CA VAL A 380 4.08 1.44 -25.73
C VAL A 380 5.12 0.72 -24.86
N GLN A 381 4.76 0.48 -23.58
CA GLN A 381 5.64 -0.18 -22.65
C GLN A 381 5.95 -1.60 -23.07
N ALA A 382 4.97 -2.33 -23.63
CA ALA A 382 5.18 -3.68 -24.13
C ALA A 382 6.20 -3.72 -25.26
N ALA A 383 6.15 -2.72 -26.14
CA ALA A 383 7.09 -2.65 -27.27
C ALA A 383 8.47 -2.36 -26.76
N ILE A 384 8.62 -1.41 -25.82
CA ILE A 384 9.91 -1.08 -25.21
C ILE A 384 10.52 -2.31 -24.54
N LEU A 385 9.76 -3.01 -23.73
CA LEU A 385 10.23 -4.23 -23.06
C LEU A 385 10.53 -5.38 -24.02
N SER A 386 10.09 -5.29 -25.26
CA SER A 386 10.38 -6.29 -26.28
C SER A 386 11.60 -5.93 -27.15
N GLY A 387 12.22 -4.77 -26.90
CA GLY A 387 13.38 -4.33 -27.66
C GLY A 387 13.09 -3.36 -28.78
N ASP A 388 11.85 -2.89 -28.90
CA ASP A 388 11.49 -1.94 -29.94
C ASP A 388 11.51 -0.50 -29.38
N GLN A 389 12.52 0.29 -29.75
CA GLN A 389 12.62 1.66 -29.25
C GLN A 389 12.06 2.71 -30.22
N SER A 390 11.13 2.31 -31.11
CA SER A 390 10.62 3.19 -32.16
C SER A 390 9.67 4.27 -31.69
N SER A 391 8.95 4.04 -30.58
CA SER A 391 8.02 5.03 -30.03
C SER A 391 8.74 6.20 -29.30
N ALA A 392 10.09 6.14 -29.21
CA ALA A 392 10.95 7.12 -28.54
C ALA A 392 11.70 8.00 -29.55
N GLU B 7 12.16 -18.39 -5.91
CA GLU B 7 12.28 -17.12 -6.61
C GLU B 7 12.01 -15.93 -5.69
N VAL B 8 10.96 -16.01 -4.87
CA VAL B 8 10.63 -14.89 -3.97
C VAL B 8 11.60 -14.79 -2.83
N ALA B 9 12.18 -13.60 -2.68
CA ALA B 9 13.11 -13.30 -1.61
C ALA B 9 12.47 -12.24 -0.71
N ILE B 10 12.83 -12.26 0.58
CA ILE B 10 12.24 -11.31 1.53
C ILE B 10 13.28 -10.38 2.11
N GLY B 11 12.83 -9.23 2.57
CA GLY B 11 13.67 -8.29 3.27
C GLY B 11 13.25 -8.29 4.72
N ILE B 12 14.20 -8.44 5.65
CA ILE B 12 13.88 -8.47 7.07
C ILE B 12 14.64 -7.40 7.83
N ASP B 13 13.90 -6.50 8.50
CA ASP B 13 14.50 -5.56 9.42
C ASP B 13 14.49 -6.32 10.75
N LEU B 14 15.65 -6.78 11.23
CA LEU B 14 15.77 -7.46 12.53
C LEU B 14 16.09 -6.38 13.58
N GLY B 15 15.03 -5.78 14.11
CA GLY B 15 15.14 -4.67 15.04
C GLY B 15 15.42 -5.02 16.48
N THR B 16 15.88 -4.02 17.25
CA THR B 16 16.19 -4.22 18.66
C THR B 16 14.93 -4.60 19.41
N THR B 17 13.83 -3.86 19.19
CA THR B 17 12.57 -4.11 19.89
C THR B 17 11.53 -4.72 18.95
N TYR B 18 11.47 -4.30 17.66
CA TYR B 18 10.52 -4.79 16.64
C TYR B 18 11.20 -5.17 15.34
N SER B 19 10.73 -6.26 14.74
CA SER B 19 11.19 -6.75 13.45
C SER B 19 10.07 -6.62 12.41
N CYS B 20 10.44 -6.57 11.14
CA CYS B 20 9.48 -6.32 10.07
C CYS B 20 9.89 -7.10 8.82
N VAL B 21 8.93 -7.65 8.09
CA VAL B 21 9.25 -8.40 6.88
C VAL B 21 8.48 -7.85 5.67
N GLY B 22 9.15 -7.78 4.53
CA GLY B 22 8.53 -7.32 3.30
C GLY B 22 8.93 -8.11 2.08
N ILE B 23 8.19 -7.93 0.99
CA ILE B 23 8.50 -8.51 -0.32
C ILE B 23 8.35 -7.43 -1.36
N CYS B 24 9.20 -7.47 -2.40
CA CYS B 24 9.08 -6.53 -3.50
C CYS B 24 8.81 -7.36 -4.72
N ARG B 25 7.69 -7.06 -5.37
CA ARG B 25 7.25 -7.86 -6.50
C ARG B 25 6.32 -7.00 -7.34
N ASN B 26 6.39 -7.12 -8.66
CA ASN B 26 5.53 -6.34 -9.55
C ASN B 26 5.63 -4.82 -9.28
N GLY B 27 6.85 -4.38 -9.01
CA GLY B 27 7.22 -2.99 -8.77
C GLY B 27 6.65 -2.37 -7.51
N VAL B 28 6.15 -3.22 -6.60
CA VAL B 28 5.49 -2.80 -5.35
C VAL B 28 6.06 -3.56 -4.16
N VAL B 29 6.19 -2.88 -3.01
CA VAL B 29 6.65 -3.52 -1.79
C VAL B 29 5.50 -3.75 -0.86
N ASP B 30 5.31 -5.00 -0.43
CA ASP B 30 4.30 -5.36 0.56
C ASP B 30 4.95 -5.65 1.90
N ILE B 31 4.57 -4.93 2.96
CA ILE B 31 5.01 -5.23 4.32
C ILE B 31 3.98 -6.23 4.88
N ILE B 32 4.42 -7.45 5.17
CA ILE B 32 3.52 -8.52 5.56
C ILE B 32 3.11 -8.51 7.06
N ALA B 33 1.78 -8.50 7.30
CA ALA B 33 1.22 -8.53 8.64
C ALA B 33 1.35 -9.96 9.23
N ASN B 34 1.51 -10.04 10.55
CA ASN B 34 1.63 -11.32 11.22
C ASN B 34 0.23 -11.93 11.57
N ASP B 35 0.20 -13.02 12.38
CA ASP B 35 -1.04 -13.69 12.82
C ASP B 35 -2.01 -12.78 13.52
N GLN B 36 -1.54 -11.75 14.19
CA GLN B 36 -2.41 -10.83 14.91
C GLN B 36 -2.77 -9.58 14.08
N GLY B 37 -2.38 -9.56 12.79
CA GLY B 37 -2.58 -8.41 11.91
C GLY B 37 -1.58 -7.29 12.13
N ASN B 38 -0.47 -7.55 12.84
CA ASN B 38 0.54 -6.52 13.13
C ASN B 38 1.62 -6.49 12.04
N ARG B 39 1.90 -5.28 11.49
CA ARG B 39 2.87 -5.12 10.41
C ARG B 39 4.33 -5.15 10.88
N THR B 40 4.55 -5.11 12.20
CA THR B 40 5.82 -5.30 12.89
C THR B 40 5.57 -6.31 14.03
N THR B 41 6.62 -7.04 14.42
CA THR B 41 6.55 -8.11 15.40
C THR B 41 7.62 -7.89 16.43
N PRO B 42 7.28 -7.92 17.73
CA PRO B 42 8.34 -7.77 18.76
C PRO B 42 9.47 -8.81 18.63
N SER B 43 10.71 -8.35 18.79
CA SER B 43 11.89 -9.20 18.76
C SER B 43 12.06 -9.83 20.18
N TYR B 44 11.05 -10.62 20.60
CA TYR B 44 10.92 -11.23 21.91
C TYR B 44 10.81 -12.73 21.76
N VAL B 45 11.50 -13.47 22.61
CA VAL B 45 11.41 -14.93 22.66
C VAL B 45 11.18 -15.33 24.12
N ALA B 46 10.08 -16.03 24.43
CA ALA B 46 9.80 -16.43 25.80
C ALA B 46 9.71 -17.95 25.95
N PHE B 47 10.09 -18.45 27.13
CA PHE B 47 10.06 -19.89 27.44
C PHE B 47 9.21 -20.08 28.68
N THR B 48 8.22 -20.98 28.61
CA THR B 48 7.30 -21.27 29.73
C THR B 48 7.45 -22.75 30.15
N ASP B 49 6.62 -23.23 31.08
CA ASP B 49 6.61 -24.62 31.48
C ASP B 49 6.19 -25.53 30.29
N THR B 50 5.42 -24.99 29.31
CA THR B 50 4.89 -25.79 28.20
C THR B 50 5.33 -25.38 26.79
N GLU B 51 5.62 -24.08 26.56
CA GLU B 51 5.88 -23.64 25.19
C GLU B 51 6.96 -22.56 25.01
N ARG B 52 7.41 -22.39 23.76
CA ARG B 52 8.36 -21.39 23.31
C ARG B 52 7.56 -20.39 22.48
N LEU B 53 7.39 -19.17 22.98
CA LEU B 53 6.62 -18.12 22.33
C LEU B 53 7.53 -17.15 21.63
N ILE B 54 7.12 -16.65 20.45
CA ILE B 54 7.91 -15.66 19.71
C ILE B 54 7.00 -14.53 19.23
N GLY B 55 7.47 -13.30 19.36
CA GLY B 55 6.76 -12.13 18.87
C GLY B 55 5.74 -11.60 19.84
N ASP B 56 4.54 -11.32 19.34
CA ASP B 56 3.45 -10.75 20.14
C ASP B 56 3.13 -11.58 21.37
N ALA B 57 3.03 -12.92 21.20
CA ALA B 57 2.73 -13.83 22.31
C ALA B 57 3.76 -13.76 23.41
N ALA B 58 5.05 -13.62 23.04
CA ALA B 58 6.16 -13.50 23.99
C ALA B 58 6.12 -12.15 24.68
N LYS B 59 5.94 -11.02 23.94
CA LYS B 59 5.88 -9.69 24.58
C LYS B 59 4.68 -9.57 25.51
N ASN B 60 3.53 -10.19 25.14
CA ASN B 60 2.30 -10.09 25.92
C ASN B 60 2.41 -10.74 27.31
N GLN B 61 3.24 -11.78 27.48
CA GLN B 61 3.40 -12.39 28.80
C GLN B 61 4.71 -11.98 29.50
N ALA B 62 5.45 -10.97 28.99
CA ALA B 62 6.72 -10.55 29.58
C ALA B 62 6.65 -10.15 31.04
N SER B 63 5.62 -9.39 31.42
CA SER B 63 5.50 -8.93 32.81
C SER B 63 5.17 -10.08 33.76
N ARG B 64 4.50 -11.15 33.28
CA ARG B 64 4.17 -12.32 34.09
C ARG B 64 5.28 -13.40 34.11
N ASN B 65 6.30 -13.28 33.23
CA ASN B 65 7.39 -14.25 33.15
C ASN B 65 8.70 -13.50 32.78
N PRO B 66 9.11 -12.52 33.60
CA PRO B 66 10.28 -11.69 33.23
C PRO B 66 11.59 -12.44 33.09
N GLU B 67 11.84 -13.44 33.95
CA GLU B 67 13.09 -14.19 33.95
C GLU B 67 13.31 -15.01 32.70
N ASN B 68 12.23 -15.47 32.06
CA ASN B 68 12.34 -16.34 30.89
C ASN B 68 11.85 -15.70 29.55
N THR B 69 11.73 -14.38 29.55
CA THR B 69 11.32 -13.64 28.37
C THR B 69 12.53 -12.85 27.93
N VAL B 70 13.12 -13.24 26.80
CA VAL B 70 14.32 -12.64 26.25
C VAL B 70 13.94 -11.61 25.22
N PHE B 71 14.64 -10.50 25.26
CA PHE B 71 14.53 -9.39 24.32
C PHE B 71 15.93 -8.70 24.28
N ASP B 72 16.13 -7.73 23.37
CA ASP B 72 17.42 -7.02 23.27
C ASP B 72 18.61 -7.88 22.89
N ALA B 73 18.36 -9.08 22.30
CA ALA B 73 19.47 -9.94 21.85
C ALA B 73 20.37 -9.21 20.82
N LYS B 74 19.83 -8.19 20.11
CA LYS B 74 20.61 -7.39 19.17
C LYS B 74 21.76 -6.62 19.89
N ARG B 75 21.56 -6.28 21.18
CA ARG B 75 22.60 -5.63 21.94
C ARG B 75 23.73 -6.59 22.30
N LEU B 76 23.49 -7.91 22.22
CA LEU B 76 24.49 -8.94 22.55
C LEU B 76 25.09 -9.64 21.34
N ILE B 77 24.37 -9.65 20.21
CA ILE B 77 24.77 -10.42 19.04
C ILE B 77 26.13 -10.02 18.51
N GLY B 78 27.00 -11.00 18.37
CA GLY B 78 28.36 -10.79 17.90
C GLY B 78 29.31 -10.17 18.90
N ARG B 79 28.86 -10.00 20.15
CA ARG B 79 29.71 -9.42 21.18
C ARG B 79 30.32 -10.48 22.07
N LYS B 80 31.46 -10.15 22.70
CA LYS B 80 32.09 -10.98 23.72
C LYS B 80 31.44 -10.52 25.03
N PHE B 81 31.12 -11.44 25.92
CA PHE B 81 30.49 -11.15 27.20
C PHE B 81 31.28 -10.13 28.01
N SER B 82 32.62 -10.12 27.88
CA SER B 82 33.49 -9.21 28.61
C SER B 82 33.40 -7.74 28.15
N GLU B 83 32.80 -7.44 26.98
CA GLU B 83 32.69 -6.06 26.51
C GLU B 83 31.97 -5.17 27.53
N THR B 84 32.43 -3.92 27.71
CA THR B 84 31.82 -3.03 28.69
C THR B 84 30.35 -2.74 28.33
N THR B 85 29.99 -2.79 27.05
CA THR B 85 28.62 -2.60 26.59
C THR B 85 27.71 -3.67 27.22
N VAL B 86 28.15 -4.94 27.19
CA VAL B 86 27.41 -6.08 27.73
C VAL B 86 27.24 -5.97 29.25
N GLN B 87 28.31 -5.57 29.94
CA GLN B 87 28.30 -5.41 31.40
C GLN B 87 27.32 -4.36 31.85
N SER B 88 27.25 -3.27 31.09
CA SER B 88 26.40 -2.16 31.37
C SER B 88 24.95 -2.49 31.02
N ASP B 89 24.72 -3.04 29.82
CA ASP B 89 23.39 -3.37 29.36
C ASP B 89 22.67 -4.39 30.22
N MET B 90 23.39 -5.43 30.68
CA MET B 90 22.81 -6.56 31.39
C MET B 90 22.17 -6.22 32.73
N LYS B 91 22.55 -5.07 33.31
CA LYS B 91 21.94 -4.61 34.55
C LYS B 91 20.44 -4.26 34.34
N HIS B 92 20.04 -3.91 33.09
CA HIS B 92 18.67 -3.52 32.79
C HIS B 92 17.78 -4.66 32.29
N TRP B 93 18.29 -5.90 32.28
CA TRP B 93 17.51 -7.05 31.79
C TRP B 93 17.10 -7.95 32.93
N PRO B 94 15.85 -8.40 32.92
CA PRO B 94 15.39 -9.32 33.96
C PRO B 94 15.90 -10.75 33.76
N PHE B 95 16.34 -11.11 32.56
CA PHE B 95 16.85 -12.44 32.28
C PHE B 95 18.35 -12.49 32.61
N THR B 96 18.86 -13.69 32.84
CA THR B 96 20.24 -13.88 33.22
C THR B 96 21.14 -14.09 32.01
N VAL B 97 22.28 -13.38 31.97
CA VAL B 97 23.26 -13.53 30.90
C VAL B 97 24.60 -13.80 31.57
N LYS B 98 25.29 -14.87 31.16
CA LYS B 98 26.59 -15.27 31.69
C LYS B 98 27.56 -15.49 30.51
N GLY B 99 28.86 -15.54 30.81
CA GLY B 99 29.86 -15.75 29.77
C GLY B 99 30.25 -17.20 29.64
N GLY B 100 30.27 -17.69 28.41
CA GLY B 100 30.68 -19.06 28.12
C GLY B 100 32.18 -19.19 28.09
N SER B 101 32.71 -20.41 28.00
CA SER B 101 34.18 -20.61 27.99
C SER B 101 34.84 -19.99 26.76
N ASP B 102 34.11 -19.90 25.65
CA ASP B 102 34.55 -19.25 24.41
C ASP B 102 34.42 -17.69 24.48
N GLY B 103 33.96 -17.14 25.60
CA GLY B 103 33.76 -15.70 25.78
C GLY B 103 32.46 -15.17 25.21
N LYS B 104 31.63 -16.03 24.61
CA LYS B 104 30.38 -15.62 24.03
C LYS B 104 29.30 -15.54 25.12
N PRO B 105 28.36 -14.57 25.00
CA PRO B 105 27.25 -14.51 25.97
C PRO B 105 26.34 -15.72 25.85
N MET B 106 25.82 -16.19 27.01
CA MET B 106 24.89 -17.29 27.13
C MET B 106 23.68 -16.75 27.89
N ILE B 107 22.52 -16.74 27.26
CA ILE B 107 21.29 -16.30 27.88
C ILE B 107 20.66 -17.50 28.54
N GLU B 108 20.50 -17.45 29.88
CA GLU B 108 19.95 -18.54 30.69
C GLU B 108 18.49 -18.34 31.03
N VAL B 109 17.68 -19.34 30.69
CA VAL B 109 16.23 -19.34 30.94
C VAL B 109 15.82 -20.73 31.45
N SER B 110 14.61 -20.86 31.96
CA SER B 110 14.01 -22.12 32.35
C SER B 110 12.92 -22.41 31.29
N TYR B 111 12.97 -23.60 30.67
CA TYR B 111 12.04 -24.02 29.64
C TYR B 111 11.61 -25.46 29.95
N GLN B 112 10.32 -25.66 30.24
CA GLN B 112 9.78 -26.97 30.59
C GLN B 112 10.46 -27.56 31.83
N GLY B 113 10.72 -26.71 32.81
CA GLY B 113 11.34 -27.09 34.07
C GLY B 113 12.82 -27.42 33.98
N GLU B 114 13.47 -27.00 32.91
CA GLU B 114 14.89 -27.26 32.74
C GLU B 114 15.65 -25.99 32.43
N LYS B 115 16.89 -25.87 32.97
CA LYS B 115 17.76 -24.73 32.68
C LYS B 115 18.30 -24.88 31.25
N LYS B 116 18.11 -23.85 30.41
CA LYS B 116 18.58 -23.82 29.02
C LYS B 116 19.42 -22.57 28.80
N THR B 117 20.42 -22.65 27.92
CA THR B 117 21.27 -21.53 27.57
C THR B 117 21.25 -21.32 26.05
N PHE B 118 21.28 -20.07 25.62
CA PHE B 118 21.25 -19.75 24.21
C PHE B 118 22.24 -18.63 23.90
N HIS B 119 22.90 -18.73 22.75
CA HIS B 119 23.74 -17.65 22.28
C HIS B 119 22.80 -16.59 21.71
N PRO B 120 23.23 -15.31 21.69
CA PRO B 120 22.35 -14.25 21.14
C PRO B 120 21.86 -14.53 19.73
N GLU B 121 22.72 -15.12 18.87
CA GLU B 121 22.32 -15.45 17.51
C GLU B 121 21.25 -16.57 17.44
N GLU B 122 21.17 -17.43 18.47
CA GLU B 122 20.13 -18.43 18.55
C GLU B 122 18.80 -17.75 18.84
N ILE B 123 18.79 -16.76 19.74
CA ILE B 123 17.58 -16.01 20.04
C ILE B 123 17.14 -15.21 18.79
N SER B 124 18.09 -14.55 18.14
CA SER B 124 17.78 -13.80 16.92
C SER B 124 17.28 -14.71 15.79
N SER B 125 17.83 -15.95 15.69
CA SER B 125 17.39 -16.95 14.69
C SER B 125 15.91 -17.30 14.89
N MET B 126 15.44 -17.32 16.15
CA MET B 126 14.05 -17.61 16.43
C MET B 126 13.16 -16.46 15.95
N VAL B 127 13.61 -15.21 16.09
CA VAL B 127 12.85 -14.06 15.62
C VAL B 127 12.82 -14.09 14.06
N LEU B 128 13.97 -14.37 13.44
CA LEU B 128 14.09 -14.47 12.00
C LEU B 128 13.21 -15.60 11.44
N LYS B 129 13.15 -16.74 12.14
CA LYS B 129 12.30 -17.89 11.77
C LYS B 129 10.83 -17.46 11.83
N LYS B 130 10.44 -16.68 12.85
CA LYS B 130 9.08 -16.17 12.93
C LYS B 130 8.79 -15.23 11.75
N MET B 131 9.74 -14.35 11.36
CA MET B 131 9.51 -13.45 10.22
C MET B 131 9.43 -14.20 8.90
N LYS B 132 10.23 -15.28 8.77
CA LYS B 132 10.24 -16.19 7.61
C LYS B 132 8.85 -16.85 7.51
N GLU B 133 8.32 -17.32 8.66
CA GLU B 133 7.01 -17.94 8.74
C GLU B 133 5.89 -16.96 8.44
N VAL B 134 5.98 -15.70 8.90
CA VAL B 134 5.00 -14.67 8.59
C VAL B 134 4.88 -14.50 7.06
N ALA B 135 6.01 -14.43 6.35
CA ALA B 135 6.02 -14.31 4.90
C ALA B 135 5.48 -15.58 4.25
N GLU B 136 5.88 -16.76 4.78
CA GLU B 136 5.45 -18.03 4.21
C GLU B 136 3.95 -18.24 4.31
N THR B 137 3.33 -17.79 5.41
CA THR B 137 1.88 -17.89 5.60
C THR B 137 1.18 -17.05 4.54
N TYR B 138 1.68 -15.82 4.31
CA TYR B 138 1.15 -14.90 3.33
C TYR B 138 1.29 -15.45 1.90
N LEU B 139 2.49 -15.87 1.51
CA LEU B 139 2.75 -16.38 0.17
C LEU B 139 2.12 -17.74 -0.10
N GLY B 140 1.94 -18.53 0.96
CA GLY B 140 1.46 -19.90 0.88
C GLY B 140 2.53 -20.82 0.31
N LYS B 141 3.81 -20.38 0.30
CA LYS B 141 4.93 -21.11 -0.27
C LYS B 141 6.20 -20.90 0.58
N PRO B 142 7.15 -21.85 0.53
CA PRO B 142 8.40 -21.67 1.30
C PRO B 142 9.22 -20.49 0.79
N VAL B 143 9.95 -19.84 1.68
CA VAL B 143 10.85 -18.72 1.41
C VAL B 143 12.22 -19.16 1.89
N LYS B 144 13.24 -19.05 1.05
CA LYS B 144 14.60 -19.45 1.45
C LYS B 144 15.55 -18.26 1.44
N ASN B 145 15.42 -17.35 0.48
CA ASN B 145 16.31 -16.21 0.36
C ASN B 145 15.85 -14.98 1.12
N ALA B 146 16.81 -14.23 1.67
CA ALA B 146 16.52 -13.02 2.42
C ALA B 146 17.67 -12.04 2.46
N VAL B 147 17.35 -10.76 2.59
CA VAL B 147 18.32 -9.72 2.86
C VAL B 147 17.99 -9.27 4.29
N ILE B 148 18.99 -9.30 5.18
CA ILE B 148 18.79 -8.85 6.57
C ILE B 148 19.60 -7.59 6.80
N THR B 149 19.01 -6.62 7.47
CA THR B 149 19.64 -5.35 7.76
C THR B 149 20.28 -5.35 9.14
N VAL B 150 21.34 -4.55 9.29
CA VAL B 150 22.07 -4.33 10.53
C VAL B 150 22.43 -2.84 10.64
N PRO B 151 22.64 -2.32 11.86
CA PRO B 151 23.05 -0.91 11.98
C PRO B 151 24.39 -0.68 11.29
N ALA B 152 24.61 0.53 10.75
CA ALA B 152 25.83 0.86 10.05
C ALA B 152 27.08 0.64 10.88
N TYR B 153 26.99 0.87 12.20
CA TYR B 153 28.15 0.73 13.10
C TYR B 153 28.47 -0.72 13.47
N PHE B 154 27.65 -1.69 13.06
CA PHE B 154 27.92 -3.11 13.37
C PHE B 154 29.26 -3.52 12.77
N ASN B 155 30.09 -4.18 13.56
CA ASN B 155 31.40 -4.65 13.10
C ASN B 155 31.28 -6.02 12.40
N ASP B 156 32.38 -6.58 11.91
CA ASP B 156 32.40 -7.87 11.23
C ASP B 156 31.81 -8.98 12.09
N SER B 157 32.11 -9.00 13.41
CA SER B 157 31.60 -10.03 14.30
C SER B 157 30.09 -9.95 14.46
N GLN B 158 29.54 -8.75 14.59
CA GLN B 158 28.10 -8.52 14.71
C GLN B 158 27.39 -8.86 13.42
N ARG B 159 28.00 -8.54 12.27
CA ARG B 159 27.41 -8.86 10.97
C ARG B 159 27.41 -10.36 10.71
N GLN B 160 28.53 -11.04 11.03
CA GLN B 160 28.64 -12.47 10.84
C GLN B 160 27.65 -13.21 11.72
N ALA B 161 27.49 -12.77 12.97
CA ALA B 161 26.56 -13.41 13.89
C ALA B 161 25.11 -13.23 13.41
N THR B 162 24.78 -12.08 12.81
CA THR B 162 23.44 -11.85 12.26
C THR B 162 23.21 -12.79 11.06
N LYS B 163 24.26 -13.01 10.24
CA LYS B 163 24.21 -13.91 9.10
C LYS B 163 24.01 -15.35 9.61
N ASP B 164 24.73 -15.73 10.68
CA ASP B 164 24.60 -17.05 11.30
C ASP B 164 23.19 -17.25 11.84
N ALA B 165 22.59 -16.22 12.45
CA ALA B 165 21.21 -16.27 12.92
C ALA B 165 20.26 -16.60 11.75
N GLY B 166 20.53 -16.00 10.59
CA GLY B 166 19.75 -16.25 9.39
C GLY B 166 19.89 -17.68 8.93
N ALA B 167 21.12 -18.21 8.90
CA ALA B 167 21.39 -19.59 8.49
C ALA B 167 20.69 -20.58 9.42
N ILE B 168 20.73 -20.33 10.74
CA ILE B 168 20.08 -21.17 11.72
C ILE B 168 18.58 -21.20 11.49
N ALA B 169 17.99 -20.02 11.12
CA ALA B 169 16.56 -19.87 10.82
C ALA B 169 16.13 -20.53 9.49
N GLY B 170 17.06 -21.06 8.73
CA GLY B 170 16.77 -21.70 7.44
C GLY B 170 16.80 -20.75 6.25
N LEU B 171 17.39 -19.58 6.40
CA LEU B 171 17.45 -18.59 5.36
C LEU B 171 18.81 -18.63 4.69
N ASN B 172 18.81 -18.32 3.39
CA ASN B 172 20.00 -18.16 2.60
C ASN B 172 20.11 -16.66 2.55
N VAL B 173 21.02 -16.11 3.33
CA VAL B 173 21.19 -14.68 3.44
C VAL B 173 21.93 -14.19 2.22
N LEU B 174 21.18 -13.59 1.30
CA LEU B 174 21.78 -13.04 0.08
C LEU B 174 22.75 -11.94 0.40
N ARG B 175 22.43 -11.13 1.41
CA ARG B 175 23.29 -10.02 1.81
C ARG B 175 22.84 -9.44 3.12
N ILE B 176 23.80 -8.92 3.87
CA ILE B 176 23.60 -8.13 5.07
C ILE B 176 23.81 -6.70 4.59
N ILE B 177 22.83 -5.81 4.77
CA ILE B 177 22.99 -4.42 4.35
C ILE B 177 22.75 -3.49 5.51
N ASN B 178 23.26 -2.26 5.43
CA ASN B 178 23.06 -1.27 6.49
C ASN B 178 21.64 -0.76 6.54
N GLU B 179 21.14 -0.57 7.75
CA GLU B 179 19.81 -0.03 8.01
C GLU B 179 19.59 1.33 7.35
N PRO B 180 20.50 2.32 7.51
CA PRO B 180 20.28 3.61 6.85
C PRO B 180 20.26 3.50 5.34
N THR B 181 21.10 2.64 4.78
CA THR B 181 21.16 2.42 3.34
C THR B 181 19.85 1.80 2.86
N ALA B 182 19.29 0.85 3.64
CA ALA B 182 18.01 0.22 3.29
C ALA B 182 16.90 1.27 3.27
N ALA B 183 16.93 2.24 4.19
CA ALA B 183 15.93 3.31 4.23
C ALA B 183 16.05 4.21 2.99
N ALA B 184 17.27 4.51 2.55
CA ALA B 184 17.48 5.34 1.36
C ALA B 184 17.02 4.61 0.10
N ILE B 185 17.25 3.29 0.03
CA ILE B 185 16.83 2.42 -1.07
C ILE B 185 15.30 2.40 -1.15
N ALA B 186 14.63 2.35 0.02
CA ALA B 186 13.17 2.36 0.10
C ALA B 186 12.57 3.56 -0.60
N TYR B 187 13.21 4.72 -0.48
CA TYR B 187 12.69 5.92 -1.11
C TYR B 187 13.12 6.14 -2.55
N GLY B 188 13.84 5.19 -3.13
CA GLY B 188 14.34 5.25 -4.50
C GLY B 188 15.29 6.41 -4.69
N LEU B 189 16.03 6.78 -3.64
CA LEU B 189 16.96 7.92 -3.71
C LEU B 189 18.16 7.63 -4.60
N ASP B 190 18.43 6.33 -4.88
CA ASP B 190 19.45 5.89 -5.80
C ASP B 190 18.94 6.00 -7.25
N LYS B 191 17.64 5.83 -7.49
CA LYS B 191 17.03 5.90 -8.81
C LYS B 191 16.52 7.29 -9.19
N LYS B 192 17.24 8.34 -8.79
CA LYS B 192 16.85 9.71 -9.15
C LYS B 192 17.86 10.37 -10.12
N GLY B 193 19.12 9.94 -10.07
CA GLY B 193 20.17 10.42 -10.95
C GLY B 193 20.31 11.93 -11.01
N LYS B 194 20.08 12.59 -9.87
CA LYS B 194 20.16 14.05 -9.77
C LYS B 194 21.62 14.52 -9.43
N GLY B 195 22.60 13.72 -9.83
CA GLY B 195 24.01 13.89 -9.49
C GLY B 195 24.30 13.12 -8.21
N GLU B 196 25.29 13.57 -7.45
CA GLU B 196 25.64 12.96 -6.15
C GLU B 196 24.68 13.55 -5.10
N GLN B 197 24.18 12.74 -4.18
CA GLN B 197 23.22 13.22 -3.18
C GLN B 197 23.68 12.93 -1.76
N ASN B 198 23.45 13.88 -0.84
CA ASN B 198 23.75 13.76 0.58
C ASN B 198 22.45 13.49 1.29
N ILE B 199 22.32 12.31 1.89
CA ILE B 199 21.10 11.88 2.54
C ILE B 199 21.30 11.73 4.03
N LEU B 200 20.43 12.35 4.85
CA LEU B 200 20.49 12.16 6.29
C LEU B 200 19.38 11.23 6.74
N ILE B 201 19.72 10.10 7.36
CA ILE B 201 18.76 9.15 7.91
C ILE B 201 18.62 9.44 9.40
N PHE B 202 17.44 9.82 9.85
CA PHE B 202 17.15 10.10 11.25
C PHE B 202 16.31 8.92 11.74
N ASP B 203 16.94 7.97 12.47
CA ASP B 203 16.30 6.76 12.93
C ASP B 203 16.10 6.74 14.45
N LEU B 204 14.89 6.98 14.92
CA LEU B 204 14.59 6.96 16.34
C LEU B 204 13.58 5.86 16.62
N GLY B 205 14.06 4.73 17.13
CA GLY B 205 13.23 3.58 17.42
C GLY B 205 12.77 3.52 18.85
N GLY B 206 12.77 2.32 19.40
CA GLY B 206 12.31 2.08 20.76
C GLY B 206 13.38 2.21 21.80
N GLY B 207 14.54 1.68 21.49
CA GLY B 207 15.66 1.73 22.43
C GLY B 207 16.89 2.45 21.96
N THR B 208 16.99 2.74 20.64
CA THR B 208 18.17 3.40 20.07
C THR B 208 17.84 4.60 19.15
N PHE B 209 18.83 5.46 18.98
CA PHE B 209 18.74 6.61 18.10
C PHE B 209 19.98 6.58 17.22
N ASP B 210 19.81 6.52 15.91
CA ASP B 210 20.90 6.48 14.96
C ASP B 210 20.72 7.53 13.88
N VAL B 211 21.72 8.37 13.67
CA VAL B 211 21.73 9.37 12.61
C VAL B 211 22.87 8.97 11.69
N SER B 212 22.59 8.85 10.39
CA SER B 212 23.61 8.44 9.43
C SER B 212 23.57 9.37 8.25
N LEU B 213 24.73 9.82 7.80
CA LEU B 213 24.84 10.68 6.64
C LEU B 213 25.46 9.84 5.52
N LEU B 214 24.69 9.65 4.45
CA LEU B 214 25.09 8.87 3.30
C LEU B 214 25.36 9.76 2.11
N THR B 215 26.15 9.27 1.16
CA THR B 215 26.39 9.92 -0.12
C THR B 215 26.09 8.88 -1.19
N LEU B 216 25.55 9.34 -2.33
CA LEU B 216 25.22 8.47 -3.45
C LEU B 216 26.12 8.78 -4.62
N GLU B 217 27.34 8.18 -4.66
CA GLU B 217 28.24 8.43 -5.81
C GLU B 217 27.97 7.37 -6.88
N ASP B 218 27.34 7.78 -8.01
CA ASP B 218 26.99 6.93 -9.14
C ASP B 218 26.12 5.70 -8.75
N GLY B 219 24.97 5.94 -8.13
CA GLY B 219 24.06 4.89 -7.70
C GLY B 219 24.56 3.97 -6.59
N ILE B 220 25.76 4.27 -6.06
CA ILE B 220 26.37 3.50 -5.00
C ILE B 220 26.35 4.32 -3.73
N PHE B 221 25.88 3.72 -2.65
CA PHE B 221 25.76 4.39 -1.37
C PHE B 221 27.01 4.21 -0.56
N GLU B 222 27.40 5.26 0.16
CA GLU B 222 28.54 5.22 1.07
C GLU B 222 28.13 5.92 2.36
N VAL B 223 28.39 5.27 3.51
CA VAL B 223 28.09 5.85 4.81
C VAL B 223 29.24 6.74 5.21
N LYS B 224 29.07 8.06 5.11
CA LYS B 224 30.13 9.02 5.41
C LYS B 224 30.34 9.28 6.89
N ALA B 225 29.25 9.33 7.67
CA ALA B 225 29.34 9.60 9.10
C ALA B 225 28.13 9.05 9.81
N THR B 226 28.30 8.54 11.03
CA THR B 226 27.22 8.05 11.87
C THR B 226 27.39 8.59 13.28
N SER B 227 26.30 8.76 13.99
CA SER B 227 26.30 9.20 15.38
C SER B 227 24.91 8.87 15.94
N GLY B 228 24.68 9.12 17.21
CA GLY B 228 23.39 8.86 17.84
C GLY B 228 23.54 8.63 19.31
N ASP B 229 22.70 7.76 19.86
CA ASP B 229 22.71 7.43 21.27
C ASP B 229 22.06 6.05 21.38
N THR B 230 22.86 5.02 21.72
CA THR B 230 22.37 3.64 21.83
C THR B 230 21.34 3.44 22.95
N HIS B 231 21.08 4.46 23.78
CA HIS B 231 20.11 4.39 24.86
C HIS B 231 19.18 5.61 24.91
N LEU B 232 18.68 6.00 23.74
CA LEU B 232 17.66 7.02 23.58
C LEU B 232 16.68 6.51 22.55
N GLY B 233 15.44 6.34 22.98
CA GLY B 233 14.36 5.87 22.13
C GLY B 233 13.01 6.13 22.77
N GLY B 234 11.98 5.53 22.20
CA GLY B 234 10.63 5.67 22.70
C GLY B 234 10.45 5.23 24.15
N GLU B 235 11.18 4.19 24.58
CA GLU B 235 11.06 3.69 25.96
C GLU B 235 11.46 4.75 27.00
N ASP B 236 12.33 5.69 26.62
CA ASP B 236 12.77 6.79 27.46
C ASP B 236 11.65 7.88 27.56
N PHE B 237 10.85 8.05 26.52
CA PHE B 237 9.72 8.98 26.54
C PHE B 237 8.58 8.38 27.38
N ASP B 238 8.42 7.02 27.34
CA ASP B 238 7.43 6.33 28.17
C ASP B 238 7.81 6.54 29.64
N ASN B 239 9.13 6.44 29.97
CA ASN B 239 9.65 6.62 31.32
C ASN B 239 9.37 8.01 31.85
N LYS B 240 9.37 9.03 30.96
CA LYS B 240 9.04 10.41 31.38
C LYS B 240 7.59 10.51 31.82
N LEU B 241 6.68 9.77 31.15
CA LEU B 241 5.26 9.74 31.49
C LEU B 241 5.07 8.94 32.78
N VAL B 242 5.80 7.81 32.94
CA VAL B 242 5.74 6.99 34.13
C VAL B 242 6.14 7.82 35.36
N ASN B 243 7.31 8.49 35.32
CA ASN B 243 7.81 9.35 36.40
C ASN B 243 6.80 10.42 36.77
N PHE B 244 6.13 11.03 35.78
CA PHE B 244 5.10 12.03 36.01
C PHE B 244 3.89 11.44 36.73
N CYS B 245 3.38 10.29 36.24
CA CYS B 245 2.21 9.61 36.82
C CYS B 245 2.47 9.16 38.24
N VAL B 246 3.69 8.69 38.53
CA VAL B 246 4.09 8.25 39.87
C VAL B 246 3.96 9.43 40.84
N GLN B 247 4.42 10.62 40.41
CA GLN B 247 4.35 11.86 41.20
C GLN B 247 2.92 12.37 41.31
N ASP B 248 2.13 12.21 40.25
CA ASP B 248 0.73 12.63 40.21
C ASP B 248 -0.10 11.78 41.17
N PHE B 249 0.19 10.47 41.23
CA PHE B 249 -0.49 9.52 42.13
C PHE B 249 -0.23 9.93 43.57
N LYS B 250 1.04 10.30 43.88
CA LYS B 250 1.47 10.77 45.21
C LYS B 250 0.63 11.98 45.64
N LYS B 251 0.51 13.00 44.75
CA LYS B 251 -0.25 14.23 45.03
C LYS B 251 -1.77 14.00 45.18
N LYS B 252 -2.28 12.90 44.62
CA LYS B 252 -3.71 12.58 44.70
C LYS B 252 -4.04 11.70 45.89
N ASN B 253 -3.13 10.78 46.24
CA ASN B 253 -3.36 9.76 47.24
C ASN B 253 -2.39 9.78 48.44
N GLY B 254 -2.38 10.93 49.12
CA GLY B 254 -1.61 11.22 50.33
C GLY B 254 -0.19 10.71 50.44
N GLY B 255 0.55 10.76 49.35
CA GLY B 255 1.94 10.31 49.35
C GLY B 255 2.11 8.81 49.37
N LYS B 256 1.59 8.12 48.35
CA LYS B 256 1.77 6.68 48.18
C LYS B 256 2.72 6.49 46.99
N ASP B 257 3.73 5.62 47.12
CA ASP B 257 4.74 5.45 46.07
C ASP B 257 4.59 4.17 45.23
N VAL B 258 4.02 4.32 44.02
CA VAL B 258 3.84 3.25 43.04
C VAL B 258 5.18 2.60 42.64
N SER B 259 6.26 3.40 42.64
CA SER B 259 7.61 2.98 42.25
C SER B 259 8.16 1.81 43.06
N LYS B 260 7.69 1.62 44.30
CA LYS B 260 8.18 0.52 45.12
C LYS B 260 7.65 -0.86 44.66
N ASN B 261 6.58 -0.90 43.86
CA ASN B 261 6.04 -2.12 43.31
C ASN B 261 6.37 -2.19 41.81
N SER B 262 7.23 -3.14 41.40
CA SER B 262 7.64 -3.25 40.00
C SER B 262 6.51 -3.68 39.08
N LYS B 263 5.55 -4.46 39.60
CA LYS B 263 4.41 -4.86 38.79
C LYS B 263 3.48 -3.66 38.54
N SER B 264 3.33 -2.77 39.55
CA SER B 264 2.53 -1.54 39.40
C SER B 264 3.18 -0.59 38.39
N LEU B 265 4.52 -0.55 38.35
CA LEU B 265 5.23 0.28 37.38
C LEU B 265 5.07 -0.25 35.97
N ARG B 266 5.17 -1.58 35.76
CA ARG B 266 5.02 -2.21 34.44
C ARG B 266 3.64 -1.96 33.87
N ARG B 267 2.59 -2.08 34.69
CA ARG B 267 1.21 -1.83 34.29
C ARG B 267 1.02 -0.36 33.89
N LEU B 268 1.65 0.55 34.65
CA LEU B 268 1.57 1.98 34.37
C LEU B 268 2.32 2.32 33.08
N ARG B 269 3.50 1.69 32.87
CA ARG B 269 4.34 1.87 31.71
C ARG B 269 3.59 1.47 30.45
N THR B 270 2.87 0.33 30.49
CA THR B 270 2.07 -0.18 29.37
C THR B 270 1.07 0.89 28.91
N GLN B 271 0.36 1.50 29.85
CA GLN B 271 -0.62 2.54 29.56
C GLN B 271 0.02 3.86 29.13
N CYS B 272 1.24 4.16 29.62
CA CYS B 272 1.94 5.38 29.24
C CYS B 272 2.37 5.31 27.77
N GLU B 273 2.85 4.14 27.30
CA GLU B 273 3.24 3.99 25.91
C GLU B 273 2.03 4.11 25.01
N LYS B 274 0.84 3.60 25.44
CA LYS B 274 -0.37 3.71 24.63
C LYS B 274 -0.78 5.17 24.47
N ALA B 275 -0.76 5.94 25.57
CA ALA B 275 -1.11 7.36 25.57
C ALA B 275 -0.16 8.15 24.68
N LYS B 276 1.14 7.80 24.73
CA LYS B 276 2.18 8.42 23.89
C LYS B 276 1.81 8.32 22.41
N ARG B 277 1.47 7.09 21.94
CA ARG B 277 1.10 6.84 20.55
C ARG B 277 -0.12 7.67 20.15
N VAL B 278 -1.10 7.78 21.05
CA VAL B 278 -2.31 8.55 20.79
C VAL B 278 -1.99 10.03 20.60
N LEU B 279 -1.06 10.55 21.42
CA LEU B 279 -0.61 11.93 21.34
C LEU B 279 0.11 12.30 20.04
N SER B 280 0.46 11.31 19.20
CA SER B 280 1.05 11.59 17.89
C SER B 280 -0.01 12.01 16.88
N SER B 281 -1.31 11.71 17.14
CA SER B 281 -2.39 12.09 16.22
C SER B 281 -3.54 12.85 16.92
N SER B 282 -3.53 12.92 18.26
CA SER B 282 -4.53 13.66 19.02
C SER B 282 -3.87 14.69 19.95
N ALA B 283 -4.62 15.72 20.36
CA ALA B 283 -4.08 16.74 21.26
C ALA B 283 -4.06 16.32 22.73
N GLN B 284 -4.82 15.26 23.08
CA GLN B 284 -4.99 14.75 24.43
C GLN B 284 -5.10 13.23 24.43
N ALA B 285 -4.81 12.62 25.57
CA ALA B 285 -4.91 11.18 25.76
C ALA B 285 -5.16 10.90 27.23
N THR B 286 -5.73 9.73 27.54
CA THR B 286 -5.99 9.34 28.91
C THR B 286 -5.12 8.16 29.31
N ILE B 287 -4.50 8.24 30.48
CA ILE B 287 -3.73 7.16 31.06
C ILE B 287 -4.63 6.65 32.18
N GLU B 288 -5.01 5.38 32.12
CA GLU B 288 -5.91 4.80 33.10
C GLU B 288 -5.46 3.40 33.51
N VAL B 289 -5.34 3.15 34.82
CA VAL B 289 -4.98 1.86 35.39
C VAL B 289 -5.91 1.62 36.56
N ASP B 290 -6.81 0.64 36.44
CA ASP B 290 -7.72 0.31 37.52
C ASP B 290 -6.95 -0.49 38.56
N SER B 291 -7.15 -0.17 39.87
CA SER B 291 -6.47 -0.80 41.01
C SER B 291 -4.95 -0.87 40.78
N LEU B 292 -4.31 0.29 40.66
CA LEU B 292 -2.89 0.42 40.32
C LEU B 292 -1.93 -0.07 41.43
N PHE B 293 -2.10 0.38 42.68
CA PHE B 293 -1.16 -0.01 43.75
C PHE B 293 -1.87 -0.66 45.01
N ASP B 294 -2.47 0.14 45.88
CA ASP B 294 -3.25 -0.18 47.08
C ASP B 294 -4.75 -0.19 46.72
N GLY B 295 -5.10 -0.86 45.64
CA GLY B 295 -6.47 -0.94 45.18
C GLY B 295 -7.08 0.37 44.73
N ILE B 296 -6.26 1.41 44.54
CA ILE B 296 -6.71 2.71 44.11
C ILE B 296 -6.63 2.79 42.59
N ASP B 297 -7.72 3.26 41.96
CA ASP B 297 -7.78 3.46 40.52
C ASP B 297 -7.02 4.73 40.17
N TYR B 298 -6.32 4.70 39.03
CA TYR B 298 -5.56 5.84 38.56
C TYR B 298 -6.07 6.28 37.22
N ASN B 299 -6.26 7.58 37.06
CA ASN B 299 -6.72 8.20 35.84
C ASN B 299 -6.08 9.58 35.74
N VAL B 300 -5.62 9.95 34.54
CA VAL B 300 -5.04 11.26 34.27
C VAL B 300 -5.15 11.58 32.79
N ASN B 301 -5.33 12.86 32.47
CA ASN B 301 -5.41 13.29 31.08
C ASN B 301 -4.11 14.02 30.75
N ILE B 302 -3.43 13.59 29.68
CA ILE B 302 -2.16 14.18 29.27
C ILE B 302 -2.35 14.90 27.95
N THR B 303 -2.06 16.20 27.92
CA THR B 303 -2.11 16.95 26.67
C THR B 303 -0.79 16.72 25.93
N ARG B 304 -0.79 16.91 24.60
CA ARG B 304 0.41 16.80 23.79
C ARG B 304 1.46 17.82 24.28
N ALA B 305 1.00 19.02 24.71
CA ALA B 305 1.83 20.08 25.28
C ALA B 305 2.59 19.61 26.53
N LYS B 306 1.91 18.87 27.44
CA LYS B 306 2.54 18.36 28.67
C LYS B 306 3.56 17.27 28.34
N PHE B 307 3.24 16.40 27.36
CA PHE B 307 4.17 15.35 26.93
C PHE B 307 5.42 15.99 26.32
N GLU B 308 5.22 17.02 25.49
CA GLU B 308 6.31 17.77 24.86
C GLU B 308 7.20 18.44 25.92
N GLU B 309 6.58 18.96 26.98
CA GLU B 309 7.28 19.61 28.08
C GLU B 309 8.15 18.59 28.87
N LEU B 310 7.57 17.42 29.21
CA LEU B 310 8.30 16.37 29.93
C LEU B 310 9.48 15.85 29.13
N CYS B 311 9.36 15.79 27.81
CA CYS B 311 10.40 15.24 26.92
C CYS B 311 11.25 16.30 26.20
N MET B 312 11.02 17.59 26.50
CA MET B 312 11.64 18.75 25.88
C MET B 312 13.14 18.65 25.64
N ASP B 313 13.92 18.31 26.68
CA ASP B 313 15.37 18.21 26.55
C ASP B 313 15.75 17.04 25.65
N GLN B 314 15.12 15.88 25.87
CA GLN B 314 15.40 14.68 25.09
C GLN B 314 15.12 14.87 23.62
N PHE B 315 14.02 15.56 23.29
CA PHE B 315 13.62 15.83 21.91
C PHE B 315 14.60 16.75 21.22
N ARG B 316 14.93 17.89 21.86
CA ARG B 316 15.86 18.88 21.33
C ARG B 316 17.25 18.27 21.15
N ASN B 317 17.69 17.43 22.10
CA ASN B 317 19.01 16.81 22.05
C ASN B 317 19.18 15.79 20.91
N THR B 318 18.08 15.41 20.21
CA THR B 318 18.19 14.55 19.03
C THR B 318 18.94 15.29 17.90
N LEU B 319 18.96 16.63 17.93
CA LEU B 319 19.66 17.43 16.93
C LEU B 319 21.18 17.42 17.14
N ILE B 320 21.66 17.10 18.36
CA ILE B 320 23.10 17.07 18.63
C ILE B 320 23.81 16.03 17.74
N PRO B 321 23.35 14.75 17.64
CA PRO B 321 24.00 13.82 16.71
C PRO B 321 23.83 14.21 15.23
N VAL B 322 22.80 15.01 14.88
CA VAL B 322 22.64 15.51 13.52
C VAL B 322 23.79 16.51 13.23
N GLU B 323 24.06 17.42 14.18
CA GLU B 323 25.14 18.39 14.05
C GLU B 323 26.49 17.66 14.00
N LYS B 324 26.65 16.61 14.82
CA LYS B 324 27.88 15.81 14.86
C LYS B 324 28.19 15.10 13.53
N VAL B 325 27.19 14.46 12.85
CA VAL B 325 27.45 13.79 11.57
C VAL B 325 27.79 14.81 10.47
N LEU B 326 27.17 16.00 10.51
CA LEU B 326 27.46 17.03 9.52
C LEU B 326 28.89 17.53 9.71
N LYS B 327 29.32 17.73 10.98
CA LYS B 327 30.68 18.12 11.31
C LYS B 327 31.66 17.04 10.83
N ASP B 328 31.45 15.76 11.20
CA ASP B 328 32.33 14.64 10.77
C ASP B 328 32.43 14.55 9.26
N ALA B 329 31.31 14.71 8.56
CA ALA B 329 31.34 14.66 7.10
C ALA B 329 31.80 15.94 6.44
N LYS B 330 32.16 16.97 7.23
CA LYS B 330 32.64 18.26 6.75
C LYS B 330 31.62 18.91 5.81
N MET B 331 30.33 18.93 6.21
CA MET B 331 29.33 19.58 5.37
C MET B 331 28.33 20.42 6.16
N ASP B 332 27.69 21.37 5.47
CA ASP B 332 26.68 22.27 6.00
C ASP B 332 25.30 21.61 5.87
N LYS B 333 24.36 21.92 6.78
CA LYS B 333 23.02 21.35 6.73
C LYS B 333 22.29 21.66 5.42
N SER B 334 22.64 22.78 4.77
CA SER B 334 22.09 23.19 3.48
C SER B 334 22.47 22.23 2.34
N GLN B 335 23.54 21.44 2.52
CA GLN B 335 23.99 20.46 1.53
C GLN B 335 23.25 19.11 1.61
N VAL B 336 22.34 18.94 2.59
CA VAL B 336 21.58 17.69 2.71
C VAL B 336 20.40 17.74 1.74
N HIS B 337 20.38 16.83 0.76
CA HIS B 337 19.34 16.77 -0.27
C HIS B 337 18.05 16.16 0.23
N GLU B 338 18.13 15.12 1.10
CA GLU B 338 16.93 14.46 1.66
C GLU B 338 17.17 14.08 3.10
N ILE B 339 16.15 14.28 3.95
CA ILE B 339 16.13 13.86 5.35
C ILE B 339 15.07 12.77 5.44
N VAL B 340 15.46 11.53 5.75
CA VAL B 340 14.52 10.41 5.84
C VAL B 340 14.20 10.05 7.29
N LEU B 341 12.91 10.07 7.66
CA LEU B 341 12.48 9.70 9.00
C LEU B 341 12.23 8.20 9.09
N VAL B 342 12.98 7.52 9.98
CA VAL B 342 12.93 6.08 10.21
C VAL B 342 12.72 5.83 11.72
N GLY B 343 12.01 4.75 12.06
CA GLY B 343 11.73 4.41 13.44
C GLY B 343 10.37 4.91 13.89
N GLY B 344 9.72 4.14 14.75
CA GLY B 344 8.40 4.49 15.25
C GLY B 344 8.31 5.80 15.99
N SER B 345 9.37 6.21 16.68
CA SER B 345 9.36 7.46 17.44
C SER B 345 9.36 8.71 16.55
N THR B 346 9.71 8.57 15.25
CA THR B 346 9.66 9.73 14.34
C THR B 346 8.21 10.15 14.00
N ARG B 347 7.19 9.38 14.46
CA ARG B 347 5.79 9.76 14.31
C ARG B 347 5.43 10.92 15.27
N ILE B 348 6.27 11.20 16.30
CA ILE B 348 6.01 12.27 17.26
C ILE B 348 6.09 13.62 16.55
N PRO B 349 4.98 14.36 16.49
CA PRO B 349 4.99 15.64 15.77
C PRO B 349 6.09 16.60 16.18
N LYS B 350 6.40 16.73 17.48
CA LYS B 350 7.45 17.64 17.95
C LYS B 350 8.80 17.30 17.35
N ILE B 351 9.12 16.00 17.24
CA ILE B 351 10.38 15.56 16.65
C ILE B 351 10.44 15.97 15.18
N GLN B 352 9.35 15.75 14.44
CA GLN B 352 9.29 16.13 13.03
C GLN B 352 9.45 17.64 12.85
N GLN B 353 8.84 18.44 13.74
CA GLN B 353 8.93 19.90 13.69
C GLN B 353 10.36 20.35 14.01
N LEU B 354 10.99 19.74 15.01
CA LEU B 354 12.36 20.09 15.39
C LEU B 354 13.34 19.86 14.24
N ILE B 355 13.20 18.73 13.51
CA ILE B 355 14.05 18.37 12.36
C ILE B 355 13.82 19.35 11.19
N LYS B 356 12.55 19.66 10.92
CA LYS B 356 12.17 20.57 9.83
C LYS B 356 12.74 21.94 10.09
N ASP B 357 12.62 22.44 11.33
CA ASP B 357 13.15 23.75 11.72
C ASP B 357 14.67 23.76 11.60
N PHE B 358 15.33 22.68 12.05
CA PHE B 358 16.78 22.56 11.94
C PHE B 358 17.23 22.67 10.49
N PHE B 359 16.51 22.01 9.58
CA PHE B 359 16.84 22.04 8.17
C PHE B 359 16.17 23.20 7.40
N ASN B 360 15.84 24.28 8.12
CA ASN B 360 15.27 25.52 7.61
C ASN B 360 14.01 25.34 6.76
N GLY B 361 13.10 24.51 7.25
CA GLY B 361 11.82 24.30 6.60
C GLY B 361 11.75 23.24 5.54
N LYS B 362 12.85 22.50 5.33
CA LYS B 362 12.86 21.40 4.35
C LYS B 362 11.98 20.26 4.83
N GLU B 363 11.09 19.78 3.96
CA GLU B 363 10.20 18.67 4.31
C GLU B 363 10.93 17.34 4.32
N PRO B 364 10.89 16.62 5.45
CA PRO B 364 11.52 15.29 5.48
C PRO B 364 10.73 14.25 4.71
N CSX B 365 11.39 13.21 4.22
CA CSX B 365 10.77 12.08 3.55
CB CSX B 365 11.82 11.31 2.74
SG CSX B 365 11.96 12.09 1.13
C CSX B 365 10.18 11.17 4.64
O CSX B 365 10.92 10.61 5.44
OD CSX B 365 12.80 11.38 0.25
N LYS B 366 8.85 11.09 4.72
CA LYS B 366 8.16 10.30 5.73
C LYS B 366 6.93 9.56 5.19
N ALA B 367 6.81 9.45 3.87
CA ALA B 367 5.68 8.80 3.23
C ALA B 367 5.59 7.34 3.60
N ILE B 368 6.75 6.65 3.71
CA ILE B 368 6.76 5.26 4.12
C ILE B 368 6.66 5.18 5.66
N ASN B 369 5.76 4.30 6.21
CA ASN B 369 5.59 4.04 7.67
C ASN B 369 6.98 3.87 8.26
N PRO B 370 7.41 4.78 9.14
CA PRO B 370 8.83 4.83 9.52
C PRO B 370 9.36 3.55 10.15
N ASP B 371 8.50 2.77 10.80
CA ASP B 371 8.90 1.48 11.36
C ASP B 371 8.91 0.32 10.32
N GLU B 372 8.60 0.63 9.03
CA GLU B 372 8.60 -0.30 7.90
C GLU B 372 9.61 0.08 6.81
N ALA B 373 10.16 1.30 6.83
CA ALA B 373 11.11 1.77 5.81
C ALA B 373 12.33 0.89 5.62
N VAL B 374 12.91 0.36 6.72
CA VAL B 374 14.09 -0.48 6.62
C VAL B 374 13.75 -1.83 5.96
N ALA B 375 12.66 -2.49 6.40
CA ALA B 375 12.23 -3.74 5.78
C ALA B 375 11.87 -3.52 4.31
N TYR B 376 11.28 -2.36 3.99
CA TYR B 376 10.89 -1.97 2.65
C TYR B 376 12.15 -1.95 1.74
N GLY B 377 13.20 -1.26 2.18
CA GLY B 377 14.44 -1.19 1.43
C GLY B 377 15.11 -2.53 1.30
N ALA B 378 15.14 -3.32 2.37
CA ALA B 378 15.71 -4.66 2.34
C ALA B 378 14.96 -5.54 1.34
N ALA B 379 13.63 -5.38 1.24
CA ALA B 379 12.80 -6.15 0.34
C ALA B 379 13.10 -5.80 -1.11
N VAL B 380 13.33 -4.50 -1.39
CA VAL B 380 13.69 -4.04 -2.73
C VAL B 380 15.04 -4.65 -3.11
N GLN B 381 16.01 -4.59 -2.18
CA GLN B 381 17.34 -5.13 -2.43
C GLN B 381 17.29 -6.64 -2.64
N ALA B 382 16.46 -7.35 -1.88
CA ALA B 382 16.31 -8.80 -2.02
C ALA B 382 15.79 -9.17 -3.40
N ALA B 383 14.84 -8.37 -3.92
CA ALA B 383 14.27 -8.63 -5.24
C ALA B 383 15.32 -8.38 -6.32
N ILE B 384 16.09 -7.27 -6.21
CA ILE B 384 17.18 -6.96 -7.15
C ILE B 384 18.20 -8.10 -7.16
N LEU B 385 18.67 -8.52 -5.99
CA LEU B 385 19.64 -9.62 -5.89
C LEU B 385 19.11 -10.97 -6.34
N SER B 386 17.79 -11.10 -6.53
CA SER B 386 17.17 -12.31 -7.04
C SER B 386 16.90 -12.27 -8.55
N GLY B 387 17.23 -11.16 -9.21
CA GLY B 387 17.01 -11.03 -10.64
C GLY B 387 15.76 -10.27 -11.06
N ASP B 388 15.03 -9.72 -10.09
CA ASP B 388 13.82 -8.95 -10.40
C ASP B 388 14.14 -7.44 -10.47
N3B AN2 C . -13.89 1.96 -15.59
PB AN2 C . -13.57 1.24 -17.12
O2B AN2 C . -13.83 -0.30 -17.00
O1B AN2 C . -12.16 1.41 -17.57
O3A AN2 C . -14.55 1.78 -18.26
PA AN2 C . -14.28 2.93 -19.36
O1A AN2 C . -13.10 3.87 -19.15
O2A AN2 C . -14.38 2.12 -20.61
O5' AN2 C . -15.59 3.81 -19.12
C5' AN2 C . -16.86 3.18 -19.06
C4' AN2 C . -17.86 4.28 -18.73
O4' AN2 C . -17.70 5.33 -19.68
C3' AN2 C . -19.30 3.81 -18.88
O3' AN2 C . -20.02 4.24 -17.73
C2' AN2 C . -19.84 4.58 -20.07
O2' AN2 C . -21.23 4.95 -19.95
C1' AN2 C . -18.97 5.81 -20.03
N9 AN2 C . -18.92 6.47 -21.34
C8 AN2 C . -18.44 6.00 -22.51
N7 AN2 C . -18.66 6.89 -23.51
C5 AN2 C . -19.27 7.95 -22.95
C4 AN2 C . -19.47 7.68 -21.53
N3 AN2 C . -20.08 8.58 -20.70
C2 AN2 C . -20.50 9.75 -21.20
N1 AN2 C . -20.35 10.07 -22.51
C6 AN2 C . -19.76 9.25 -23.41
N6 AN2 C . -19.69 9.52 -24.72
C1 GOL D . -11.95 -12.74 -32.63
O1 GOL D . -11.56 -11.42 -32.97
C2 GOL D . -11.82 -12.97 -31.15
O2 GOL D . -12.41 -11.88 -30.44
C3 GOL D . -12.54 -14.26 -30.78
O3 GOL D . -12.47 -14.45 -29.37
C1 GOL E . -21.71 -0.69 -17.03
O1 GOL E . -21.15 -1.75 -17.81
C2 GOL E . -21.19 0.67 -17.47
O2 GOL E . -21.44 0.81 -18.88
C3 GOL E . -21.92 1.72 -16.67
O3 GOL E . -22.13 2.95 -17.37
C1 GOL F . -16.62 0.66 -27.57
O1 GOL F . -15.63 1.68 -27.45
C2 GOL F . -17.70 0.75 -26.51
O2 GOL F . -17.97 2.11 -26.16
C3 GOL F . -18.98 0.08 -26.97
O3 GOL F . -19.71 -0.43 -25.86
C1 GOL G . -23.78 2.03 -24.30
O1 GOL G . -24.79 2.89 -23.80
C2 GOL G . -24.11 1.48 -25.67
O2 GOL G . -24.51 2.54 -26.56
C3 GOL G . -22.92 0.74 -26.25
O3 GOL G . -22.29 -0.12 -25.30
C3 PG4 H . -9.73 -4.96 -36.61
C4 PG4 H . -9.33 -3.50 -36.71
O3 PG4 H . -9.01 -2.93 -35.45
C5 PG4 H . -7.79 -2.19 -35.45
C6 PG4 H . -8.06 -0.75 -35.72
O4 PG4 H . -7.22 0.06 -34.90
C7 PG4 H . -6.43 1.00 -35.62
C8 PG4 H . -7.18 2.30 -35.79
O5 PG4 H . -6.43 3.27 -36.52
C1 GOL I . -0.93 4.17 -4.71
O1 GOL I . -1.95 4.43 -3.77
C2 GOL I . 0.41 4.67 -4.26
O2 GOL I . 1.33 4.60 -5.36
C3 GOL I . 0.34 6.10 -3.73
O3 GOL I . 1.62 6.62 -3.41
C1 GOL J . -12.16 -2.70 -6.07
O1 GOL J . -10.88 -3.18 -5.73
C2 GOL J . -12.04 -1.45 -6.90
O2 GOL J . -11.11 -0.58 -6.28
C3 GOL J . -11.60 -1.79 -8.30
O3 GOL J . -10.80 -2.95 -8.29
C1 GOL K . -0.43 -7.11 -39.85
O1 GOL K . -0.02 -7.89 -38.74
C2 GOL K . -1.67 -6.30 -39.57
O2 GOL K . -1.48 -5.48 -38.41
C3 GOL K . -1.97 -5.41 -40.75
O3 GOL K . -2.95 -4.44 -40.41
P PO4 L . -10.63 0.91 -13.57
O1 PO4 L . -9.86 0.98 -12.22
O2 PO4 L . -10.17 2.09 -14.54
O3 PO4 L . -10.36 -0.49 -14.28
O4 PO4 L . -12.21 1.08 -13.33
N3B AN2 M . 13.74 0.00 18.22
PB AN2 M . 12.92 -0.60 16.79
O2B AN2 M . 13.51 0.05 15.60
O1B AN2 M . 13.15 -2.17 16.69
O3A AN2 M . 11.35 -0.24 16.94
PA AN2 M . 10.41 0.76 16.07
O1A AN2 M . 11.12 1.42 14.91
O2A AN2 M . 9.11 0.00 15.87
O5' AN2 M . 10.03 1.88 17.14
C5' AN2 M . 9.51 1.44 18.39
C4' AN2 M . 9.23 2.67 19.23
O4' AN2 M . 8.41 3.59 18.49
C3' AN2 M . 8.47 2.32 20.49
O3' AN2 M . 9.11 3.00 21.56
C2' AN2 M . 7.09 2.93 20.27
O2' AN2 M . 6.45 3.38 21.46
C1' AN2 M . 7.34 4.06 19.30
N9 AN2 M . 6.13 4.34 18.49
C8 AN2 M . 5.48 3.54 17.63
N7 AN2 M . 4.38 4.17 17.13
C5 AN2 M . 4.35 5.41 17.67
C4 AN2 M . 5.50 5.50 18.57
N3 AN2 M . 5.76 6.65 19.24
C2 AN2 M . 4.93 7.69 19.11
N1 AN2 M . 3.84 7.68 18.31
C6 AN2 M . 3.49 6.60 17.57
N6 AN2 M . 2.38 6.57 16.78
C1 GOL N . 0.11 -13.42 -3.33
O1 GOL N . -0.09 -12.27 -2.53
C2 GOL N . 0.50 -14.56 -2.43
O2 GOL N . 1.11 -15.58 -3.21
C3 GOL N . -0.78 -15.08 -1.82
O3 GOL N . -1.61 -14.02 -1.40
C1 GOL O . 9.08 0.68 24.63
O1 GOL O . 8.72 1.89 23.97
C2 GOL O . 9.10 -0.50 23.67
O2 GOL O . 7.84 -0.61 23.01
C3 GOL O . 9.37 -1.76 24.46
O3 GOL O . 9.25 -2.92 23.63
C13 JH1 P . 9.92 0.76 -4.68
C15 JH1 P . 9.95 -1.15 -6.05
C17 JH1 P . 11.91 0.14 -5.83
C01 JH1 P . 6.53 8.21 -4.79
C02 JH1 P . 7.89 8.33 -4.18
N03 JH1 P . 8.55 7.02 -4.01
C04 JH1 P . 9.35 6.39 -4.87
C05 JH1 P . 9.75 5.20 -4.25
C06 JH1 P . 9.11 5.22 -3.01
N07 JH1 P . 8.39 6.32 -2.87
C08 JH1 P . 10.64 4.19 -4.82
O09 JH1 P . 10.99 4.24 -6.01
N10 JH1 P . 11.06 3.26 -3.96
C11 JH1 P . 11.97 2.19 -4.37
C12 JH1 P . 11.25 1.01 -4.96
C14 JH1 P . 9.25 -0.32 -5.22
C16 JH1 P . 11.27 -0.96 -6.36
F18 JH1 P . 9.31 -2.24 -6.56
C1 GOL Q . 2.26 -19.21 12.19
O1 GOL Q . 2.19 -18.74 13.54
C2 GOL Q . 3.10 -18.27 11.36
O2 GOL Q . 2.29 -17.20 10.87
C3 GOL Q . 4.21 -17.72 12.21
O3 GOL Q . 4.91 -18.77 12.85
C1 GOL R . 2.69 -3.34 17.58
O1 GOL R . 2.78 -4.77 17.58
C2 GOL R . 3.26 -2.78 16.29
O2 GOL R . 2.37 -3.01 15.20
C3 GOL R . 3.57 -1.30 16.39
O3 GOL R . 4.72 -1.06 17.19
C1 GOL S . 21.98 -1.59 19.82
O1 GOL S . 21.41 -2.15 18.64
C2 GOL S . 23.24 -2.34 20.23
O2 GOL S . 24.17 -2.30 19.16
C3 GOL S . 23.85 -1.76 21.48
O3 GOL S . 24.74 -2.67 22.11
P PO4 T . 17.13 -0.28 15.12
O1 PO4 T . 18.73 -0.35 15.12
O2 PO4 T . 16.66 1.09 15.69
O3 PO4 T . 16.55 -1.48 16.02
O4 PO4 T . 16.59 -0.46 13.62
#